data_5BN3
#
_entry.id   5BN3
#
_cell.length_a   192.459
_cell.length_b   192.459
_cell.length_c   110.241
_cell.angle_alpha   90.00
_cell.angle_beta   90.00
_cell.angle_gamma   120.00
#
_symmetry.space_group_name_H-M   'H 3'
#
loop_
_entity.id
_entity.type
_entity.pdbx_description
1 polymer 'V-type ATP synthase alpha chain'
2 polymer NEQ263
3 non-polymer "ADENOSINE-5'-DIPHOSPHATE"
4 non-polymer '1,4-DIETHYLENE DIOXIDE'
5 non-polymer GLYCEROL
6 non-polymer 'MAGNESIUM ION'
7 non-polymer 'SULFATE ION'
8 water water
#
loop_
_entity_poly.entity_id
_entity_poly.type
_entity_poly.pdbx_seq_one_letter_code
_entity_poly.pdbx_strand_id
1 'polypeptide(L)'
;MNRIISINGPLVIAKGKFSIFEVVRVGEEKLIGEVIGIENDKAYIQVYEDTNGLKVGEPVFNTGKPLTIELGPGLLANIF
DGLGRPLKDIYEKTQSIYIPKGIDLPTLDRKKVWEFIPKKKKGDTIKGGDIIGTVNENGFEHRIIVPPNVEGKIEEIYEG
NFTIEETIAIVNGKPIKLYHEWPIRKPRPYKEKLDYNYPFITGTRVLDIMFPIAKGGSAAVPGPFGSGKTVLNQQIAKWA
DSDIVIYIGCGERGNEMTEVLEEFPKLKDPKTGKPLMYRTILIANTSNMPIAAREASIYLGATIGEYFRDQGYSVVVNAD
STSRWAEALREISSRLGEIPSEEGYPAYLLRKLAEFYERSGRVRTLNDLEGSLTIIGAVSPPGGDFSEPVTQNTLRLVGA
LWALDSKLAYKRHYPAINYLISYTKQWEFVKKYFEELYEDVIEIREEFFAILKRESELMDIVSIVGPDALSDNEKIYLHM
GRIIREGFLQQDAFDENDSYSPLEKTIELMRIIHKYYVTVKQLLGKIPLEEIEQKGIHEKIIKLRYKSLKEFREEIKAIE
QEILSLLNSQ
;
A
2 'polypeptide(L)'
;MPSIKPPLIAVELENPMLGEVIDLEETKAIVIAAYENKALALLFDYYTGEIKQINRQGNTYKIAVSEDYIGGIFNGFGEP
IKGPKPYPEDYRDINGLAINPYARKVPNEILYTGISSIDVAHPLLKGQKIAIFSPPGLPMERLALQIARNVAKDKTIIFA
AIGVPSDIYKMFIDEFINTKAIMNSAIFISKADSSPIEKIYTPRVALTLAEYLAFEKNRDVLVLMLDMTNYADALREIST
LRKEIPSRRGYPAYLYTDLASIYERSGLTSKGSITLIPMLTMPGNDITHVVPDLTGYITEGQYVLSQDLHSKNIYPPIDL
LKSLSRLAKNGMSKKHKKYADILIKSYAKGLEARDIATIVGEDSLSKEDKAYLKFAELVEKEFIKQDYYEYRSIEKSFEI
IDSILSQSGLPYSPIQ
;
B
#
loop_
_chem_comp.id
_chem_comp.type
_chem_comp.name
_chem_comp.formula
ADP non-polymer ADENOSINE-5'-DIPHOSPHATE 'C10 H15 N5 O10 P2'
DIO non-polymer '1,4-DIETHYLENE DIOXIDE' 'C4 H8 O2'
GOL non-polymer GLYCEROL 'C3 H8 O3'
MG non-polymer 'MAGNESIUM ION' 'Mg 2'
SO4 non-polymer 'SULFATE ION' 'O4 S -2'
#
# COMPACT_ATOMS: atom_id res chain seq x y z
N MET A 1 9.91 28.18 28.70
CA MET A 1 10.85 29.11 28.07
C MET A 1 10.77 29.03 26.55
N ASN A 2 11.09 27.87 26.00
CA ASN A 2 10.96 27.64 24.57
C ASN A 2 9.50 27.77 24.15
N ARG A 3 9.26 28.47 23.04
CA ARG A 3 7.89 28.70 22.59
C ARG A 3 7.72 28.55 21.08
N ILE A 4 6.59 27.99 20.66
CA ILE A 4 6.23 27.92 19.25
C ILE A 4 5.99 29.33 18.72
N ILE A 5 6.51 29.63 17.54
CA ILE A 5 6.23 30.92 16.91
C ILE A 5 5.54 30.73 15.56
N SER A 6 5.49 29.49 15.09
CA SER A 6 4.82 29.18 13.82
C SER A 6 4.45 27.71 13.71
N ILE A 7 3.31 27.44 13.07
CA ILE A 7 2.91 26.08 12.75
C ILE A 7 2.49 26.00 11.28
N ASN A 8 3.19 25.17 10.52
CA ASN A 8 2.95 25.03 9.09
C ASN A 8 2.97 23.55 8.72
N GLY A 9 1.80 22.92 8.75
CA GLY A 9 1.71 21.49 8.55
C GLY A 9 2.51 20.75 9.60
N PRO A 10 3.34 19.80 9.16
CA PRO A 10 4.18 18.98 10.05
C PRO A 10 5.40 19.75 10.55
N LEU A 11 5.56 20.99 10.09
CA LEU A 11 6.69 21.81 10.53
C LEU A 11 6.31 22.81 11.61
N VAL A 12 7.03 22.77 12.73
CA VAL A 12 6.86 23.75 13.79
C VAL A 12 8.15 24.56 13.96
N ILE A 13 8.01 25.89 14.03
CA ILE A 13 9.15 26.76 14.31
C ILE A 13 9.05 27.25 15.76
N ALA A 14 10.13 27.11 16.51
CA ALA A 14 10.16 27.50 17.91
C ALA A 14 11.34 28.40 18.23
N LYS A 15 11.13 29.36 19.12
CA LYS A 15 12.22 30.15 19.67
C LYS A 15 12.72 29.49 20.95
N GLY A 16 14.03 29.49 21.15
CA GLY A 16 14.61 28.92 22.35
C GLY A 16 16.01 28.35 22.14
N LYS A 17 16.40 27.44 23.02
CA LYS A 17 17.70 26.79 22.92
C LYS A 17 17.53 25.31 22.59
N PHE A 18 18.10 24.90 21.45
CA PHE A 18 17.95 23.51 21.00
C PHE A 18 19.24 22.97 20.42
N SER A 19 19.28 21.65 20.22
CA SER A 19 20.39 21.01 19.52
C SER A 19 19.86 20.33 18.27
N ILE A 20 20.67 20.29 17.22
CA ILE A 20 20.28 19.66 15.96
C ILE A 20 20.00 18.17 16.21
N PHE A 21 18.89 17.69 15.66
CA PHE A 21 18.46 16.29 15.81
C PHE A 21 18.07 15.89 17.23
N GLU A 22 17.85 16.88 18.09
CA GLU A 22 17.33 16.61 19.42
C GLU A 22 15.84 16.31 19.31
N VAL A 23 15.38 15.31 20.05
CA VAL A 23 13.95 15.04 20.14
C VAL A 23 13.33 16.02 21.12
N VAL A 24 12.25 16.67 20.70
CA VAL A 24 11.56 17.61 21.56
C VAL A 24 10.11 17.20 21.75
N ARG A 25 9.47 17.79 22.76
CA ARG A 25 8.06 17.55 22.99
C ARG A 25 7.30 18.84 22.76
N VAL A 26 6.38 18.82 21.80
CA VAL A 26 5.77 20.04 21.28
C VAL A 26 4.36 20.29 21.85
N GLY A 27 4.17 21.49 22.39
CA GLY A 27 2.87 21.87 22.94
C GLY A 27 2.58 21.26 24.29
N GLU A 28 1.44 21.63 24.87
CA GLU A 28 1.03 21.10 26.16
C GLU A 28 0.74 19.61 26.11
N GLU A 29 0.34 19.13 24.94
CA GLU A 29 0.04 17.71 24.76
C GLU A 29 1.32 16.91 24.49
N LYS A 30 2.44 17.62 24.39
CA LYS A 30 3.76 16.99 24.28
C LYS A 30 3.87 16.02 23.11
N LEU A 31 3.69 16.53 21.89
CA LEU A 31 3.82 15.71 20.69
C LEU A 31 5.29 15.50 20.38
N ILE A 32 5.65 14.28 19.97
CA ILE A 32 7.03 13.96 19.63
C ILE A 32 7.47 14.71 18.37
N GLY A 33 8.58 15.42 18.47
CA GLY A 33 9.15 16.14 17.34
C GLY A 33 10.65 15.98 17.31
N GLU A 34 11.27 16.40 16.22
CA GLU A 34 12.71 16.32 16.08
C GLU A 34 13.24 17.59 15.42
N VAL A 35 14.24 18.21 16.04
CA VAL A 35 14.86 19.40 15.46
C VAL A 35 15.67 19.03 14.22
N ILE A 36 15.36 19.64 13.09
CA ILE A 36 16.02 19.31 11.83
C ILE A 36 16.85 20.47 11.30
N GLY A 37 16.67 21.64 11.91
CA GLY A 37 17.39 22.83 11.50
C GLY A 37 17.43 23.87 12.60
N ILE A 38 18.49 24.67 12.62
CA ILE A 38 18.61 25.76 13.60
C ILE A 38 19.10 27.03 12.92
N GLU A 39 18.39 28.14 13.17
CA GLU A 39 18.76 29.43 12.62
C GLU A 39 18.72 30.45 13.74
N ASN A 40 19.90 30.78 14.28
CA ASN A 40 20.03 31.66 15.44
C ASN A 40 19.29 31.14 16.67
N ASP A 41 18.21 31.85 17.04
CA ASP A 41 17.42 31.49 18.21
C ASP A 41 16.22 30.63 17.84
N LYS A 42 16.06 30.36 16.55
CA LYS A 42 14.93 29.59 16.06
C LYS A 42 15.31 28.13 15.82
N ALA A 43 14.34 27.24 16.01
CA ALA A 43 14.53 25.83 15.68
C ALA A 43 13.44 25.36 14.73
N TYR A 44 13.84 24.59 13.71
CA TYR A 44 12.88 24.01 12.78
C TYR A 44 12.64 22.56 13.16
N ILE A 45 11.38 22.25 13.48
CA ILE A 45 11.02 20.97 14.07
C ILE A 45 10.00 20.23 13.21
N GLN A 46 10.32 18.99 12.84
CA GLN A 46 9.31 18.15 12.19
C GLN A 46 8.58 17.32 13.25
N VAL A 47 7.25 17.44 13.25
CA VAL A 47 6.42 16.82 14.27
C VAL A 47 5.86 15.50 13.77
N TYR A 48 5.99 14.45 14.59
CA TYR A 48 5.55 13.12 14.20
C TYR A 48 4.12 12.83 14.63
N GLU A 49 3.34 13.90 14.78
CA GLU A 49 1.93 13.79 15.09
C GLU A 49 1.18 14.92 14.42
N ASP A 50 -0.15 14.85 14.40
CA ASP A 50 -0.95 15.90 13.78
C ASP A 50 -0.81 17.22 14.53
N THR A 51 -0.67 18.30 13.78
CA THR A 51 -0.40 19.61 14.37
C THR A 51 -1.61 20.53 14.33
N ASN A 52 -2.75 20.04 13.85
CA ASN A 52 -3.97 20.83 13.87
C ASN A 52 -4.38 21.12 15.30
N GLY A 53 -4.72 22.38 15.59
CA GLY A 53 -5.13 22.77 16.92
C GLY A 53 -3.99 23.28 17.77
N LEU A 54 -2.76 23.17 17.27
CA LEU A 54 -1.60 23.71 17.98
C LEU A 54 -1.68 25.24 18.02
N LYS A 55 -1.07 25.84 19.02
CA LYS A 55 -1.18 27.28 19.25
C LYS A 55 0.19 27.94 19.33
N VAL A 56 0.30 29.15 18.78
CA VAL A 56 1.54 29.93 18.86
C VAL A 56 1.89 30.20 20.34
N GLY A 57 0.86 30.24 21.18
CA GLY A 57 1.10 30.38 22.62
C GLY A 57 1.28 29.05 23.33
N GLU A 58 2.32 28.30 22.97
CA GLU A 58 2.56 26.98 23.56
C GLU A 58 4.05 26.64 23.70
N PRO A 59 4.41 25.93 24.79
CA PRO A 59 5.80 25.59 25.10
C PRO A 59 6.32 24.39 24.30
N VAL A 60 7.64 24.33 24.12
CA VAL A 60 8.30 23.17 23.55
C VAL A 60 9.36 22.68 24.53
N PHE A 61 9.35 21.39 24.84
CA PHE A 61 10.26 20.86 25.85
C PHE A 61 11.48 20.12 25.26
N ASN A 62 12.64 20.36 25.86
CA ASN A 62 13.86 19.65 25.49
C ASN A 62 13.86 18.23 26.05
N THR A 63 14.65 17.35 25.46
CA THR A 63 14.86 16.00 26.00
C THR A 63 16.35 15.68 26.05
N GLY A 64 17.12 16.37 25.21
CA GLY A 64 18.56 16.18 25.18
C GLY A 64 18.99 14.86 24.56
N LYS A 65 18.05 14.18 23.91
CA LYS A 65 18.33 12.90 23.28
C LYS A 65 17.85 12.85 21.84
N PRO A 66 18.50 12.01 21.03
CA PRO A 66 18.07 11.81 19.64
C PRO A 66 16.97 10.77 19.54
N LEU A 67 16.44 10.56 18.34
CA LEU A 67 15.37 9.59 18.13
C LEU A 67 15.93 8.17 18.18
N THR A 68 15.44 7.38 19.13
CA THR A 68 15.97 6.03 19.34
C THR A 68 14.91 4.94 19.27
N ILE A 69 15.38 3.69 19.16
CA ILE A 69 14.53 2.51 19.24
C ILE A 69 15.10 1.55 20.27
N GLU A 70 14.21 0.93 21.05
CA GLU A 70 14.63 -0.09 22.00
C GLU A 70 14.87 -1.42 21.27
N LEU A 71 16.07 -1.95 21.42
CA LEU A 71 16.45 -3.20 20.77
C LEU A 71 16.60 -4.33 21.80
N GLY A 72 15.70 -5.31 21.75
CA GLY A 72 15.76 -6.45 22.65
C GLY A 72 14.56 -7.35 22.45
N PRO A 73 14.37 -8.33 23.35
CA PRO A 73 13.22 -9.23 23.29
C PRO A 73 11.91 -8.45 23.41
N GLY A 74 10.93 -8.79 22.57
CA GLY A 74 9.65 -8.11 22.58
C GLY A 74 9.25 -7.52 21.24
N LEU A 75 10.16 -7.57 20.27
CA LEU A 75 9.89 -7.04 18.93
C LEU A 75 9.20 -8.07 18.04
N LEU A 76 9.66 -9.32 18.13
CA LEU A 76 9.18 -10.38 17.25
C LEU A 76 7.69 -10.66 17.40
N ALA A 77 7.03 -10.91 16.27
CA ALA A 77 5.59 -11.22 16.21
C ALA A 77 4.68 -10.08 16.63
N ASN A 78 5.24 -8.87 16.71
CA ASN A 78 4.46 -7.71 17.11
C ASN A 78 4.41 -6.62 16.04
N ILE A 79 3.43 -5.73 16.15
CA ILE A 79 3.27 -4.63 15.21
C ILE A 79 3.46 -3.28 15.91
N PHE A 80 4.26 -2.40 15.30
CA PHE A 80 4.57 -1.11 15.89
C PHE A 80 4.29 0.00 14.89
N ASP A 81 4.14 1.23 15.37
CA ASP A 81 3.98 2.37 14.47
C ASP A 81 5.35 2.88 14.04
N GLY A 82 5.38 3.99 13.29
CA GLY A 82 6.62 4.54 12.78
C GLY A 82 7.62 4.95 13.84
N LEU A 83 7.11 5.22 15.05
CA LEU A 83 7.97 5.65 16.15
C LEU A 83 8.31 4.51 17.10
N GLY A 84 7.88 3.31 16.76
CA GLY A 84 8.18 2.13 17.58
C GLY A 84 7.20 1.93 18.72
N ARG A 85 6.01 2.52 18.60
CA ARG A 85 4.98 2.36 19.61
C ARG A 85 4.10 1.16 19.27
N PRO A 86 3.92 0.26 20.26
CA PRO A 86 3.18 -0.98 20.02
C PRO A 86 1.68 -0.74 19.86
N LEU A 87 1.12 -1.11 18.70
CA LEU A 87 -0.27 -0.83 18.38
C LEU A 87 -1.25 -1.68 19.19
N LYS A 88 -0.81 -2.85 19.63
CA LYS A 88 -1.64 -3.72 20.46
C LYS A 88 -1.86 -3.08 21.82
N ASP A 89 -0.80 -2.53 22.39
CA ASP A 89 -0.87 -1.86 23.68
C ASP A 89 -1.67 -0.55 23.62
N ILE A 90 -1.54 0.17 22.51
CA ILE A 90 -2.32 1.39 22.28
C ILE A 90 -3.81 1.04 22.28
N TYR A 91 -4.16 -0.02 21.57
CA TYR A 91 -5.54 -0.48 21.53
C TYR A 91 -6.06 -0.83 22.93
N GLU A 92 -5.24 -1.55 23.70
CA GLU A 92 -5.66 -2.02 25.02
C GLU A 92 -5.78 -0.90 26.05
N LYS A 93 -4.85 0.06 26.02
CA LYS A 93 -4.91 1.19 26.94
C LYS A 93 -6.11 2.09 26.67
N THR A 94 -6.28 2.48 25.41
CA THR A 94 -7.33 3.40 25.01
C THR A 94 -8.71 2.76 24.95
N GLN A 95 -8.74 1.44 24.77
CA GLN A 95 -9.99 0.72 24.53
C GLN A 95 -10.76 1.33 23.37
N SER A 96 -10.01 1.79 22.37
CA SER A 96 -10.58 2.45 21.20
C SER A 96 -9.98 1.85 19.92
N ILE A 97 -10.67 2.03 18.80
CA ILE A 97 -10.15 1.56 17.52
C ILE A 97 -9.28 2.62 16.87
N TYR A 98 -9.25 3.80 17.48
CA TYR A 98 -8.51 4.94 16.93
C TYR A 98 -7.14 5.12 17.58
N ILE A 99 -6.21 5.69 16.82
CA ILE A 99 -4.91 6.06 17.34
C ILE A 99 -4.98 7.50 17.84
N PRO A 100 -4.75 7.69 19.14
CA PRO A 100 -4.82 9.02 19.76
C PRO A 100 -3.58 9.82 19.41
N LYS A 101 -3.68 11.14 19.38
CA LYS A 101 -2.48 11.95 19.20
C LYS A 101 -1.82 12.19 20.55
N GLY A 102 -0.51 11.95 20.62
CA GLY A 102 0.23 12.24 21.83
C GLY A 102 0.45 11.10 22.81
N ILE A 103 -0.13 9.93 22.54
CA ILE A 103 0.08 8.78 23.42
C ILE A 103 1.53 8.32 23.38
N ASP A 104 2.12 8.08 24.55
CA ASP A 104 3.47 7.57 24.60
C ASP A 104 3.58 6.32 25.47
N LEU A 105 3.98 5.21 24.83
CA LEU A 105 4.15 3.93 25.50
C LEU A 105 5.55 3.41 25.21
N PRO A 106 6.10 2.57 26.10
CA PRO A 106 7.40 1.94 25.82
C PRO A 106 7.26 0.89 24.72
N THR A 107 8.29 0.77 23.87
CA THR A 107 8.28 -0.16 22.75
C THR A 107 8.19 -1.62 23.19
N LEU A 108 9.08 -2.01 24.10
CA LEU A 108 9.16 -3.39 24.56
C LEU A 108 8.30 -3.60 25.82
N ASP A 109 7.56 -4.71 25.84
CA ASP A 109 6.69 -5.06 26.97
C ASP A 109 7.50 -5.12 28.27
N ARG A 110 7.09 -4.34 29.26
CA ARG A 110 7.84 -4.19 30.51
C ARG A 110 7.48 -5.24 31.56
N LYS A 111 6.50 -6.08 31.26
CA LYS A 111 6.01 -7.06 32.23
C LYS A 111 6.25 -8.50 31.81
N LYS A 112 6.43 -8.72 30.51
CA LYS A 112 6.75 -10.04 29.98
C LYS A 112 8.02 -10.59 30.63
N VAL A 113 7.97 -11.85 31.07
CA VAL A 113 9.10 -12.47 31.75
C VAL A 113 9.90 -13.34 30.80
N TRP A 114 11.18 -13.01 30.65
CA TRP A 114 12.06 -13.75 29.73
C TRP A 114 13.01 -14.68 30.49
N GLU A 115 13.44 -15.74 29.84
CA GLU A 115 14.46 -16.61 30.41
C GLU A 115 15.82 -16.35 29.76
N PHE A 116 16.73 -15.78 30.55
CA PHE A 116 18.07 -15.43 30.06
C PHE A 116 19.10 -16.50 30.42
N ILE A 117 19.76 -17.05 29.39
CA ILE A 117 20.82 -18.04 29.59
C ILE A 117 22.17 -17.42 29.20
N PRO A 118 23.06 -17.21 30.20
CA PRO A 118 24.33 -16.54 29.96
C PRO A 118 25.30 -17.37 29.12
N LYS A 119 26.16 -16.70 28.37
CA LYS A 119 27.16 -17.39 27.56
C LYS A 119 28.56 -16.95 27.97
N LYS A 120 28.61 -16.09 28.99
CA LYS A 120 29.86 -15.63 29.55
C LYS A 120 29.90 -15.92 31.04
N LYS A 121 31.10 -15.99 31.59
CA LYS A 121 31.26 -16.21 33.03
C LYS A 121 31.74 -14.95 33.71
N LYS A 122 31.58 -14.90 35.03
CA LYS A 122 32.10 -13.82 35.85
C LYS A 122 33.62 -13.79 35.67
N GLY A 123 34.17 -12.58 35.52
CA GLY A 123 35.60 -12.44 35.32
C GLY A 123 36.02 -12.44 33.86
N ASP A 124 35.11 -12.81 32.97
CA ASP A 124 35.38 -12.74 31.55
C ASP A 124 35.47 -11.28 31.12
N THR A 125 36.35 -11.01 30.15
CA THR A 125 36.43 -9.67 29.56
C THR A 125 35.49 -9.62 28.36
N ILE A 126 34.75 -8.52 28.23
CA ILE A 126 33.77 -8.38 27.15
C ILE A 126 34.02 -7.11 26.34
N LYS A 127 33.78 -7.17 25.04
CA LYS A 127 33.88 -5.99 24.18
C LYS A 127 32.57 -5.75 23.45
N GLY A 128 32.45 -4.57 22.82
CA GLY A 128 31.22 -4.17 22.16
C GLY A 128 30.70 -5.17 21.15
N GLY A 129 29.40 -5.44 21.20
CA GLY A 129 28.78 -6.33 20.24
C GLY A 129 28.85 -7.81 20.60
N ASP A 130 29.53 -8.13 21.71
CA ASP A 130 29.65 -9.52 22.14
C ASP A 130 28.32 -10.11 22.59
N ILE A 131 28.12 -11.40 22.34
CA ILE A 131 26.94 -12.11 22.82
C ILE A 131 27.14 -12.50 24.29
N ILE A 132 26.38 -11.87 25.17
CA ILE A 132 26.51 -12.11 26.61
C ILE A 132 25.61 -13.26 27.06
N GLY A 133 24.62 -13.59 26.24
CA GLY A 133 23.70 -14.68 26.53
C GLY A 133 22.59 -14.79 25.50
N THR A 134 21.66 -15.72 25.73
CA THR A 134 20.53 -15.91 24.81
C THR A 134 19.18 -15.90 25.52
N VAL A 135 18.14 -15.51 24.78
CA VAL A 135 16.77 -15.55 25.27
C VAL A 135 15.89 -16.26 24.25
N ASN A 136 15.16 -17.28 24.68
CA ASN A 136 14.19 -17.90 23.78
C ASN A 136 12.97 -17.01 23.60
N GLU A 137 12.79 -16.49 22.39
CA GLU A 137 11.63 -15.67 22.08
C GLU A 137 10.69 -16.46 21.18
N ASN A 138 9.83 -17.26 21.82
CA ASN A 138 8.88 -18.14 21.13
C ASN A 138 9.48 -18.98 20.01
N GLY A 139 10.60 -19.64 20.30
CA GLY A 139 11.24 -20.52 19.34
C GLY A 139 12.45 -19.92 18.64
N PHE A 140 12.63 -18.61 18.77
CA PHE A 140 13.79 -17.95 18.18
C PHE A 140 14.87 -17.69 19.22
N GLU A 141 16.11 -18.06 18.91
CA GLU A 141 17.23 -17.79 19.80
C GLU A 141 17.69 -16.34 19.69
N HIS A 142 17.10 -15.48 20.51
CA HIS A 142 17.50 -14.08 20.53
C HIS A 142 18.83 -13.93 21.26
N ARG A 143 19.83 -13.41 20.55
CA ARG A 143 21.15 -13.24 21.12
C ARG A 143 21.30 -11.85 21.72
N ILE A 144 21.54 -11.81 23.03
CA ILE A 144 21.70 -10.56 23.74
C ILE A 144 23.11 -10.03 23.49
N ILE A 145 23.22 -9.06 22.60
CA ILE A 145 24.51 -8.45 22.28
C ILE A 145 24.66 -7.14 23.04
N VAL A 146 25.78 -6.99 23.73
CA VAL A 146 26.05 -5.78 24.49
C VAL A 146 26.26 -4.62 23.52
N PRO A 147 25.91 -3.39 23.94
CA PRO A 147 26.04 -2.23 23.06
C PRO A 147 27.47 -2.08 22.54
N PRO A 148 27.64 -1.52 21.32
CA PRO A 148 28.96 -1.36 20.71
C PRO A 148 29.94 -0.58 21.59
N ASN A 149 29.44 0.28 22.48
CA ASN A 149 30.30 1.10 23.31
C ASN A 149 30.69 0.53 24.68
N VAL A 150 30.13 -0.62 25.05
CA VAL A 150 30.50 -1.22 26.33
C VAL A 150 31.65 -2.22 26.20
N GLU A 151 32.53 -2.22 27.19
CA GLU A 151 33.74 -3.01 27.17
C GLU A 151 34.25 -3.15 28.60
N GLY A 152 34.91 -4.26 28.90
CA GLY A 152 35.49 -4.44 30.22
C GLY A 152 35.25 -5.82 30.79
N LYS A 153 35.47 -5.95 32.09
CA LYS A 153 35.35 -7.24 32.76
C LYS A 153 33.96 -7.44 33.35
N ILE A 154 33.45 -8.66 33.23
CA ILE A 154 32.17 -9.01 33.81
C ILE A 154 32.32 -9.19 35.31
N GLU A 155 31.84 -8.22 36.07
CA GLU A 155 31.96 -8.23 37.52
C GLU A 155 30.83 -9.03 38.13
N GLU A 156 29.74 -9.16 37.37
CA GLU A 156 28.55 -9.89 37.81
C GLU A 156 27.72 -10.27 36.59
N ILE A 157 27.23 -11.50 36.54
CA ILE A 157 26.30 -11.91 35.50
C ILE A 157 25.30 -12.94 36.01
N TYR A 158 24.02 -12.68 35.76
CA TYR A 158 22.95 -13.50 36.32
C TYR A 158 22.35 -14.46 35.29
N GLU A 159 21.41 -15.27 35.76
CA GLU A 159 20.79 -16.29 34.92
C GLU A 159 19.36 -16.52 35.39
N GLY A 160 18.45 -16.77 34.46
CA GLY A 160 17.09 -17.14 34.81
C GLY A 160 16.03 -16.23 34.25
N ASN A 161 14.97 -16.02 35.03
CA ASN A 161 13.81 -15.27 34.58
C ASN A 161 13.88 -13.79 34.94
N PHE A 162 13.79 -12.93 33.92
CA PHE A 162 13.89 -11.49 34.10
C PHE A 162 12.91 -10.75 33.20
N THR A 163 12.54 -9.54 33.60
CA THR A 163 11.81 -8.63 32.71
C THR A 163 12.82 -7.69 32.06
N ILE A 164 12.37 -6.88 31.11
CA ILE A 164 13.26 -6.11 30.25
C ILE A 164 14.11 -5.05 30.97
N GLU A 165 13.58 -4.49 32.05
CA GLU A 165 14.27 -3.39 32.75
C GLU A 165 15.23 -3.87 33.83
N GLU A 166 15.32 -5.18 34.00
CA GLU A 166 16.16 -5.75 35.05
C GLU A 166 17.62 -5.95 34.62
N THR A 167 18.53 -5.68 35.55
CA THR A 167 19.96 -5.89 35.32
C THR A 167 20.27 -7.39 35.24
N ILE A 168 20.97 -7.78 34.17
CA ILE A 168 21.34 -9.18 33.97
C ILE A 168 22.84 -9.39 34.10
N ALA A 169 23.57 -8.28 34.10
CA ALA A 169 25.02 -8.31 34.25
C ALA A 169 25.57 -6.92 34.59
N ILE A 170 26.78 -6.88 35.13
CA ILE A 170 27.44 -5.63 35.46
C ILE A 170 28.86 -5.62 34.89
N VAL A 171 29.17 -4.62 34.09
CA VAL A 171 30.49 -4.49 33.46
C VAL A 171 31.08 -3.12 33.77
N ASN A 172 32.28 -3.11 34.38
CA ASN A 172 32.94 -1.87 34.80
C ASN A 172 32.03 -0.94 35.59
N GLY A 173 31.23 -1.52 36.48
CA GLY A 173 30.30 -0.76 37.30
C GLY A 173 29.06 -0.31 36.55
N LYS A 174 28.88 -0.79 35.32
CA LYS A 174 27.74 -0.38 34.51
C LYS A 174 26.75 -1.54 34.30
N PRO A 175 25.48 -1.29 34.64
CA PRO A 175 24.41 -2.29 34.48
C PRO A 175 24.12 -2.63 33.02
N ILE A 176 23.98 -3.91 32.72
CA ILE A 176 23.61 -4.37 31.39
C ILE A 176 22.18 -4.90 31.41
N LYS A 177 21.36 -4.49 30.44
CA LYS A 177 19.99 -4.98 30.35
C LYS A 177 19.84 -5.99 29.22
N LEU A 178 18.62 -6.50 29.05
CA LEU A 178 18.31 -7.38 27.93
C LEU A 178 18.11 -6.56 26.66
N TYR A 179 18.06 -5.24 26.83
CA TYR A 179 17.86 -4.33 25.71
C TYR A 179 18.80 -3.12 25.79
N HIS A 180 19.01 -2.45 24.67
CA HIS A 180 19.67 -1.16 24.66
C HIS A 180 19.04 -0.24 23.62
N GLU A 181 19.24 1.06 23.79
CA GLU A 181 18.68 2.05 22.88
C GLU A 181 19.69 2.44 21.81
N TRP A 182 19.19 2.74 20.61
CA TRP A 182 20.07 3.14 19.52
C TRP A 182 19.41 4.19 18.63
N PRO A 183 20.16 5.24 18.27
CA PRO A 183 19.66 6.29 17.38
C PRO A 183 19.39 5.73 15.98
N ILE A 184 18.15 5.84 15.51
CA ILE A 184 17.76 5.23 14.25
C ILE A 184 18.43 5.85 13.02
N ARG A 185 18.88 7.09 13.14
CA ARG A 185 19.54 7.78 12.02
C ARG A 185 21.01 7.40 11.90
N LYS A 186 21.49 6.59 12.86
CA LYS A 186 22.90 6.23 12.91
C LYS A 186 23.07 4.75 12.57
N PRO A 187 23.81 4.46 11.49
CA PRO A 187 24.08 3.08 11.07
C PRO A 187 24.83 2.31 12.15
N ARG A 188 24.44 1.08 12.41
CA ARG A 188 25.11 0.26 13.42
C ARG A 188 26.44 -0.28 12.91
N PRO A 189 27.50 -0.13 13.71
CA PRO A 189 28.86 -0.51 13.31
C PRO A 189 29.03 -2.01 13.14
N TYR A 190 30.03 -2.38 12.33
CA TYR A 190 30.41 -3.77 12.11
C TYR A 190 31.90 -3.78 11.82
N LYS A 191 32.47 -4.97 11.60
CA LYS A 191 33.91 -5.05 11.37
C LYS A 191 34.30 -4.82 9.91
N GLU A 192 33.71 -5.58 9.00
CA GLU A 192 33.97 -5.39 7.57
C GLU A 192 32.88 -5.94 6.67
N LYS A 193 32.73 -5.33 5.50
CA LYS A 193 31.81 -5.82 4.48
C LYS A 193 32.38 -7.10 3.88
N LEU A 194 31.52 -8.11 3.71
CA LEU A 194 31.96 -9.37 3.13
C LEU A 194 31.47 -9.50 1.69
N ASP A 195 32.09 -10.38 0.93
CA ASP A 195 31.66 -10.64 -0.43
C ASP A 195 30.33 -11.38 -0.41
N TYR A 196 29.56 -11.23 -1.48
CA TYR A 196 28.37 -12.05 -1.64
C TYR A 196 28.79 -13.50 -1.73
N ASN A 197 27.86 -14.40 -1.40
CA ASN A 197 28.22 -15.76 -1.06
C ASN A 197 27.16 -16.74 -1.54
N TYR A 198 25.92 -16.31 -1.40
CA TYR A 198 24.78 -17.22 -1.41
C TYR A 198 23.55 -16.48 -1.91
N PRO A 199 22.75 -17.13 -2.77
CA PRO A 199 21.57 -16.46 -3.32
C PRO A 199 20.50 -16.20 -2.26
N PHE A 200 19.72 -15.15 -2.46
CA PHE A 200 18.56 -14.86 -1.62
C PHE A 200 17.37 -15.62 -2.21
N ILE A 201 17.01 -16.73 -1.58
CA ILE A 201 15.91 -17.57 -2.08
C ILE A 201 14.57 -17.08 -1.53
N THR A 202 13.70 -16.64 -2.43
CA THR A 202 12.43 -16.01 -2.06
C THR A 202 11.26 -16.99 -1.97
N GLY A 203 11.33 -18.04 -2.79
CA GLY A 203 10.20 -18.96 -2.89
C GLY A 203 9.33 -18.58 -4.08
N THR A 204 9.70 -17.47 -4.74
CA THR A 204 9.04 -17.06 -5.97
C THR A 204 9.99 -17.34 -7.13
N ARG A 205 9.51 -18.12 -8.10
CA ARG A 205 10.35 -18.64 -9.19
C ARG A 205 11.08 -17.57 -10.01
N VAL A 206 10.36 -16.56 -10.47
CA VAL A 206 10.96 -15.53 -11.30
C VAL A 206 12.07 -14.78 -10.55
N LEU A 207 11.89 -14.63 -9.24
CA LEU A 207 12.87 -13.93 -8.42
C LEU A 207 14.04 -14.83 -8.01
N ASP A 208 13.85 -16.14 -8.05
CA ASP A 208 14.89 -17.07 -7.62
C ASP A 208 15.82 -17.52 -8.74
N ILE A 209 15.29 -17.59 -9.96
CA ILE A 209 16.08 -18.07 -11.09
C ILE A 209 16.40 -16.97 -12.09
N MET A 210 15.37 -16.24 -12.51
CA MET A 210 15.54 -15.23 -13.56
C MET A 210 16.34 -14.01 -13.10
N PHE A 211 15.92 -13.40 -11.99
CA PHE A 211 16.60 -12.19 -11.51
C PHE A 211 16.98 -12.23 -10.04
N PRO A 212 17.75 -13.25 -9.62
CA PRO A 212 18.01 -13.38 -8.18
C PRO A 212 19.05 -12.37 -7.69
N ILE A 213 18.94 -12.01 -6.41
CA ILE A 213 20.00 -11.26 -5.75
C ILE A 213 20.67 -12.14 -4.71
N ALA A 214 21.80 -11.69 -4.18
CA ALA A 214 22.49 -12.43 -3.13
C ALA A 214 21.96 -12.01 -1.76
N LYS A 215 22.19 -12.85 -0.75
CA LYS A 215 21.89 -12.48 0.63
C LYS A 215 22.73 -11.26 1.00
N GLY A 216 22.07 -10.22 1.48
CA GLY A 216 22.76 -8.98 1.79
C GLY A 216 22.67 -7.99 0.64
N GLY A 217 22.02 -8.42 -0.44
CA GLY A 217 21.83 -7.53 -1.58
C GLY A 217 20.63 -6.63 -1.43
N SER A 218 20.26 -5.94 -2.50
CA SER A 218 19.09 -5.08 -2.50
C SER A 218 18.42 -5.07 -3.87
N ALA A 219 17.12 -4.80 -3.88
CA ALA A 219 16.35 -4.75 -5.12
C ALA A 219 15.26 -3.69 -5.05
N ALA A 220 14.90 -3.15 -6.20
CA ALA A 220 13.80 -2.21 -6.30
C ALA A 220 12.61 -2.87 -7.00
N VAL A 221 11.40 -2.59 -6.52
CA VAL A 221 10.18 -3.10 -7.14
C VAL A 221 9.25 -1.95 -7.50
N PRO A 222 9.50 -1.29 -8.65
CA PRO A 222 8.59 -0.22 -9.08
C PRO A 222 7.47 -0.77 -9.95
N GLY A 223 6.31 -0.12 -9.88
CA GLY A 223 5.17 -0.49 -10.69
C GLY A 223 4.04 0.50 -10.52
N PRO A 224 3.13 0.57 -11.49
CA PRO A 224 1.94 1.42 -11.35
C PRO A 224 0.99 0.82 -10.31
N PHE A 225 -0.06 1.55 -9.94
CA PHE A 225 -1.01 1.00 -8.97
C PHE A 225 -1.70 -0.25 -9.51
N GLY A 226 -1.83 -1.27 -8.66
CA GLY A 226 -2.49 -2.50 -9.05
C GLY A 226 -1.62 -3.51 -9.78
N SER A 227 -0.32 -3.20 -9.91
CA SER A 227 0.58 -4.08 -10.65
C SER A 227 1.11 -5.24 -9.80
N GLY A 228 1.06 -5.11 -8.47
CA GLY A 228 1.36 -6.24 -7.61
C GLY A 228 2.53 -6.13 -6.65
N LYS A 229 2.98 -4.90 -6.38
CA LYS A 229 4.11 -4.66 -5.47
C LYS A 229 3.88 -5.24 -4.09
N THR A 230 2.73 -4.94 -3.52
CA THR A 230 2.41 -5.32 -2.14
C THR A 230 2.32 -6.84 -1.97
N VAL A 231 1.64 -7.50 -2.89
CA VAL A 231 1.54 -8.95 -2.86
C VAL A 231 2.91 -9.59 -3.03
N LEU A 232 3.71 -9.06 -3.95
CA LEU A 232 5.05 -9.58 -4.19
C LEU A 232 5.92 -9.47 -2.95
N ASN A 233 5.89 -8.32 -2.30
CA ASN A 233 6.67 -8.13 -1.06
C ASN A 233 6.17 -9.02 0.08
N GLN A 234 4.85 -9.20 0.17
CA GLN A 234 4.27 -10.07 1.17
C GLN A 234 4.63 -11.54 0.93
N GLN A 235 4.69 -11.93 -0.33
CA GLN A 235 5.12 -13.28 -0.71
C GLN A 235 6.55 -13.52 -0.29
N ILE A 236 7.41 -12.52 -0.50
CA ILE A 236 8.79 -12.60 -0.05
C ILE A 236 8.82 -12.68 1.48
N ALA A 237 8.06 -11.82 2.14
CA ALA A 237 7.99 -11.84 3.61
C ALA A 237 7.52 -13.19 4.14
N LYS A 238 6.66 -13.87 3.38
CA LYS A 238 6.15 -15.19 3.76
C LYS A 238 7.18 -16.30 3.65
N TRP A 239 7.74 -16.46 2.46
CA TRP A 239 8.51 -17.66 2.14
C TRP A 239 10.02 -17.49 2.03
N ALA A 240 10.53 -16.28 2.21
CA ALA A 240 11.97 -16.05 2.06
C ALA A 240 12.80 -16.90 3.01
N ASP A 241 13.91 -17.41 2.49
CA ASP A 241 14.88 -18.14 3.30
C ASP A 241 15.62 -17.11 4.15
N SER A 242 15.15 -16.91 5.37
CA SER A 242 15.66 -15.84 6.23
C SER A 242 15.37 -16.13 7.70
N ASP A 243 16.25 -15.66 8.58
CA ASP A 243 16.04 -15.82 10.02
C ASP A 243 15.00 -14.83 10.52
N ILE A 244 15.09 -13.60 10.04
CA ILE A 244 14.20 -12.52 10.47
C ILE A 244 13.62 -11.79 9.27
N VAL A 245 12.33 -11.46 9.34
CA VAL A 245 11.67 -10.67 8.31
C VAL A 245 11.09 -9.40 8.93
N ILE A 246 11.44 -8.24 8.35
CA ILE A 246 10.87 -6.98 8.79
C ILE A 246 10.07 -6.35 7.66
N TYR A 247 8.76 -6.22 7.86
CA TYR A 247 7.91 -5.60 6.86
C TYR A 247 7.56 -4.18 7.27
N ILE A 248 8.00 -3.20 6.48
CA ILE A 248 7.69 -1.81 6.74
C ILE A 248 6.56 -1.33 5.84
N GLY A 249 5.39 -1.09 6.43
CA GLY A 249 4.30 -0.47 5.73
C GLY A 249 4.46 1.04 5.80
N CYS A 250 5.11 1.60 4.78
CA CYS A 250 5.41 3.03 4.75
C CYS A 250 4.38 3.78 3.91
N GLY A 251 3.39 4.37 4.57
CA GLY A 251 2.40 5.20 3.91
C GLY A 251 1.42 4.47 3.02
N GLU A 252 1.15 3.20 3.33
CA GLU A 252 0.19 2.41 2.55
C GLU A 252 -1.09 2.10 3.32
N ARG A 253 -1.84 1.09 2.85
CA ARG A 253 -3.17 0.80 3.39
C ARG A 253 -3.14 0.11 4.76
N GLY A 254 -4.03 0.52 5.64
CA GLY A 254 -4.16 -0.09 6.96
C GLY A 254 -4.56 -1.56 6.86
N ASN A 255 -5.45 -1.86 5.94
CA ASN A 255 -5.92 -3.23 5.73
C ASN A 255 -4.82 -4.21 5.35
N GLU A 256 -3.76 -3.71 4.72
CA GLU A 256 -2.66 -4.57 4.28
C GLU A 256 -1.79 -5.01 5.45
N MET A 257 -1.69 -4.15 6.46
CA MET A 257 -1.02 -4.53 7.70
C MET A 257 -1.88 -5.52 8.46
N THR A 258 -3.19 -5.26 8.51
CA THR A 258 -4.14 -6.15 9.17
C THR A 258 -4.17 -7.53 8.50
N GLU A 259 -4.03 -7.56 7.19
CA GLU A 259 -3.97 -8.81 6.43
C GLU A 259 -2.83 -9.71 6.90
N VAL A 260 -1.65 -9.11 7.09
CA VAL A 260 -0.50 -9.84 7.59
C VAL A 260 -0.76 -10.37 9.00
N LEU A 261 -1.37 -9.54 9.84
CA LEU A 261 -1.72 -9.93 11.21
C LEU A 261 -2.68 -11.11 11.23
N GLU A 262 -3.57 -11.18 10.23
CA GLU A 262 -4.57 -12.23 10.17
C GLU A 262 -4.04 -13.55 9.60
N GLU A 263 -3.15 -13.46 8.62
CA GLU A 263 -2.74 -14.63 7.85
C GLU A 263 -1.45 -15.31 8.33
N PHE A 264 -0.44 -14.52 8.68
CA PHE A 264 0.85 -15.07 9.12
C PHE A 264 0.82 -16.02 10.33
N PRO A 265 -0.05 -15.75 11.32
CA PRO A 265 -0.17 -16.73 12.41
C PRO A 265 -0.70 -18.09 11.97
N LYS A 266 -1.33 -18.18 10.80
CA LYS A 266 -1.90 -19.43 10.31
C LYS A 266 -0.93 -20.19 9.41
N LEU A 267 0.13 -19.51 8.98
CA LEU A 267 1.07 -20.10 8.03
C LEU A 267 2.30 -20.67 8.73
N LYS A 268 2.85 -21.74 8.16
CA LYS A 268 3.99 -22.42 8.76
C LYS A 268 5.26 -22.24 7.91
N ASP A 269 6.35 -21.90 8.57
CA ASP A 269 7.66 -21.80 7.94
C ASP A 269 8.03 -23.16 7.36
N PRO A 270 8.36 -23.21 6.06
CA PRO A 270 8.76 -24.48 5.42
C PRO A 270 10.15 -24.95 5.84
N LYS A 271 10.82 -24.18 6.70
CA LYS A 271 12.18 -24.53 7.13
C LYS A 271 12.24 -24.89 8.61
N THR A 272 11.29 -24.40 9.39
CA THR A 272 11.26 -24.67 10.83
C THR A 272 9.97 -25.36 11.24
N GLY A 273 8.90 -25.15 10.47
CA GLY A 273 7.60 -25.67 10.84
C GLY A 273 6.92 -24.74 11.82
N LYS A 274 7.65 -23.73 12.27
CA LYS A 274 7.11 -22.72 13.18
C LYS A 274 6.24 -21.76 12.40
N PRO A 275 5.27 -21.12 13.08
CA PRO A 275 4.43 -20.15 12.35
C PRO A 275 5.22 -18.91 11.95
N LEU A 276 4.89 -18.36 10.78
CA LEU A 276 5.65 -17.26 10.20
C LEU A 276 5.74 -16.02 11.09
N MET A 277 4.70 -15.78 11.88
CA MET A 277 4.64 -14.59 12.70
C MET A 277 5.81 -14.47 13.70
N TYR A 278 6.29 -15.60 14.18
CA TYR A 278 7.33 -15.60 15.22
C TYR A 278 8.70 -15.09 14.73
N ARG A 279 8.89 -15.02 13.42
CA ARG A 279 10.12 -14.48 12.85
C ARG A 279 9.89 -13.10 12.22
N THR A 280 8.68 -12.58 12.39
CA THR A 280 8.27 -11.37 11.69
C THR A 280 8.09 -10.16 12.62
N ILE A 281 8.57 -9.00 12.17
CA ILE A 281 8.32 -7.74 12.85
C ILE A 281 7.60 -6.80 11.89
N LEU A 282 6.50 -6.22 12.34
CA LEU A 282 5.71 -5.32 11.50
C LEU A 282 5.84 -3.88 11.96
N ILE A 283 6.18 -3.00 11.03
CA ILE A 283 6.22 -1.56 11.30
C ILE A 283 5.23 -0.85 10.39
N ALA A 284 4.20 -0.27 11.00
CA ALA A 284 3.09 0.31 10.25
C ALA A 284 2.92 1.80 10.47
N ASN A 285 3.16 2.59 9.42
CA ASN A 285 2.74 3.97 9.40
C ASN A 285 1.91 4.21 8.15
N THR A 286 0.59 4.02 8.30
CA THR A 286 -0.32 4.04 7.17
C THR A 286 -0.41 5.40 6.49
N SER A 287 -1.05 5.42 5.33
CA SER A 287 -1.13 6.63 4.51
C SER A 287 -1.70 7.84 5.25
N ASN A 288 -2.65 7.62 6.15
CA ASN A 288 -3.27 8.71 6.89
C ASN A 288 -2.71 8.95 8.30
N MET A 289 -1.66 8.21 8.65
CA MET A 289 -0.94 8.46 9.90
C MET A 289 0.04 9.61 9.61
N PRO A 290 0.63 10.23 10.66
CA PRO A 290 1.45 11.43 10.41
C PRO A 290 2.54 11.23 9.36
N ILE A 291 2.64 12.18 8.42
CA ILE A 291 3.50 12.04 7.26
C ILE A 291 4.99 11.93 7.62
N ALA A 292 5.43 12.70 8.61
CA ALA A 292 6.84 12.70 9.01
C ALA A 292 7.27 11.38 9.63
N ALA A 293 6.31 10.63 10.16
CA ALA A 293 6.60 9.35 10.78
C ALA A 293 6.93 8.27 9.73
N ARG A 294 6.68 8.57 8.46
CA ARG A 294 7.09 7.68 7.37
C ARG A 294 8.61 7.60 7.30
N GLU A 295 9.26 8.74 7.46
CA GLU A 295 10.72 8.76 7.47
C GLU A 295 11.23 7.97 8.66
N ALA A 296 10.59 8.17 9.81
CA ALA A 296 10.97 7.46 11.02
C ALA A 296 10.86 5.94 10.85
N SER A 297 9.77 5.51 10.21
CA SER A 297 9.53 4.08 10.01
C SER A 297 10.62 3.40 9.17
N ILE A 298 11.16 4.14 8.21
CA ILE A 298 12.21 3.63 7.33
C ILE A 298 13.52 3.41 8.10
N TYR A 299 13.95 4.43 8.84
CA TYR A 299 15.17 4.33 9.64
C TYR A 299 15.01 3.34 10.78
N LEU A 300 13.80 3.27 11.33
CA LEU A 300 13.49 2.35 12.43
C LEU A 300 13.66 0.89 11.99
N GLY A 301 13.06 0.55 10.85
CA GLY A 301 13.11 -0.80 10.35
C GLY A 301 14.51 -1.22 9.94
N ALA A 302 15.26 -0.28 9.39
CA ALA A 302 16.65 -0.52 9.02
C ALA A 302 17.49 -0.80 10.26
N THR A 303 17.29 0.00 11.30
CA THR A 303 18.03 -0.15 12.55
C THR A 303 17.77 -1.49 13.22
N ILE A 304 16.50 -1.89 13.27
CA ILE A 304 16.13 -3.19 13.82
C ILE A 304 16.73 -4.31 12.96
N GLY A 305 16.75 -4.12 11.65
CA GLY A 305 17.38 -5.07 10.75
C GLY A 305 18.85 -5.25 11.01
N GLU A 306 19.55 -4.13 11.24
CA GLU A 306 20.97 -4.16 11.56
C GLU A 306 21.20 -4.87 12.88
N TYR A 307 20.28 -4.66 13.82
CA TYR A 307 20.38 -5.25 15.16
C TYR A 307 20.39 -6.78 15.11
N PHE A 308 19.49 -7.35 14.34
CA PHE A 308 19.44 -8.80 14.22
C PHE A 308 20.58 -9.32 13.34
N ARG A 309 21.01 -8.49 12.40
CA ARG A 309 22.21 -8.79 11.60
C ARG A 309 23.43 -8.91 12.51
N ASP A 310 23.51 -8.03 13.50
CA ASP A 310 24.64 -8.02 14.42
C ASP A 310 24.70 -9.25 15.33
N GLN A 311 23.58 -9.98 15.41
CA GLN A 311 23.55 -11.22 16.18
C GLN A 311 24.06 -12.39 15.35
N GLY A 312 24.41 -12.11 14.10
CA GLY A 312 24.90 -13.15 13.20
C GLY A 312 23.77 -13.84 12.49
N TYR A 313 22.69 -13.11 12.24
CA TYR A 313 21.53 -13.66 11.56
C TYR A 313 21.36 -13.04 10.16
N SER A 314 20.58 -13.71 9.31
CA SER A 314 20.21 -13.16 8.02
C SER A 314 18.84 -12.50 8.14
N VAL A 315 18.74 -11.27 7.65
CA VAL A 315 17.54 -10.47 7.79
C VAL A 315 17.11 -9.94 6.43
N VAL A 316 15.80 -9.84 6.21
CA VAL A 316 15.27 -9.14 5.04
C VAL A 316 14.34 -8.02 5.48
N VAL A 317 14.52 -6.84 4.90
CA VAL A 317 13.60 -5.73 5.12
C VAL A 317 12.82 -5.46 3.84
N ASN A 318 11.50 -5.49 3.95
CA ASN A 318 10.63 -5.09 2.83
C ASN A 318 10.04 -3.72 3.14
N ALA A 319 10.25 -2.76 2.24
CA ALA A 319 9.73 -1.40 2.43
C ALA A 319 8.70 -1.05 1.36
N ASP A 320 7.45 -0.87 1.80
CA ASP A 320 6.32 -0.63 0.90
C ASP A 320 5.50 0.54 1.44
N SER A 321 5.64 1.73 0.84
CA SER A 321 6.48 1.97 -0.33
C SER A 321 7.41 3.15 -0.10
N THR A 322 8.59 3.11 -0.71
CA THR A 322 9.60 4.17 -0.53
C THR A 322 9.19 5.52 -1.13
N SER A 323 8.27 5.50 -2.09
CA SER A 323 7.76 6.73 -2.67
C SER A 323 7.03 7.60 -1.65
N ARG A 324 6.42 6.97 -0.64
CA ARG A 324 5.68 7.69 0.39
C ARG A 324 6.63 8.44 1.31
N TRP A 325 7.80 7.84 1.54
CA TRP A 325 8.88 8.47 2.31
C TRP A 325 9.39 9.67 1.51
N ALA A 326 9.53 9.50 0.21
CA ALA A 326 9.94 10.59 -0.65
C ALA A 326 8.95 11.75 -0.61
N GLU A 327 7.66 11.44 -0.56
CA GLU A 327 6.63 12.46 -0.44
C GLU A 327 6.77 13.24 0.87
N ALA A 328 7.13 12.53 1.94
CA ALA A 328 7.32 13.17 3.22
C ALA A 328 8.49 14.15 3.16
N LEU A 329 9.59 13.73 2.54
CA LEU A 329 10.75 14.59 2.36
C LEU A 329 10.40 15.83 1.56
N ARG A 330 9.62 15.65 0.50
CA ARG A 330 9.19 16.76 -0.35
C ARG A 330 8.31 17.73 0.42
N GLU A 331 7.41 17.19 1.25
CA GLU A 331 6.53 18.03 2.05
C GLU A 331 7.28 18.86 3.08
N ILE A 332 8.21 18.23 3.80
CA ILE A 332 9.04 18.93 4.78
C ILE A 332 9.85 20.02 4.10
N SER A 333 10.48 19.65 2.98
CA SER A 333 11.28 20.58 2.19
C SER A 333 10.45 21.78 1.74
N SER A 334 9.20 21.52 1.35
CA SER A 334 8.30 22.56 0.90
C SER A 334 7.95 23.57 2.00
N ARG A 335 7.67 23.04 3.20
CA ARG A 335 7.34 23.89 4.34
C ARG A 335 8.54 24.72 4.78
N LEU A 336 9.73 24.15 4.64
CA LEU A 336 10.97 24.83 4.99
C LEU A 336 11.30 25.93 3.99
N GLY A 337 10.57 25.95 2.88
CA GLY A 337 10.81 26.93 1.83
C GLY A 337 12.12 26.66 1.11
N GLU A 338 12.46 25.38 0.99
CA GLU A 338 13.63 24.98 0.21
C GLU A 338 13.25 24.98 -1.26
N ILE A 339 14.21 25.31 -2.12
CA ILE A 339 13.98 25.28 -3.56
C ILE A 339 13.84 23.83 -4.01
N PRO A 340 12.70 23.49 -4.62
CA PRO A 340 12.51 22.12 -5.10
C PRO A 340 13.47 21.80 -6.23
N SER A 341 13.90 20.55 -6.33
CA SER A 341 14.66 20.10 -7.47
C SER A 341 13.72 19.39 -8.43
N GLU A 342 14.21 18.34 -9.08
CA GLU A 342 13.42 17.64 -10.10
C GLU A 342 12.14 17.03 -9.56
N GLU A 343 11.03 17.34 -10.22
CA GLU A 343 9.68 16.90 -9.83
C GLU A 343 9.26 17.38 -8.46
N GLY A 344 9.85 18.47 -8.00
CA GLY A 344 9.47 19.05 -6.73
C GLY A 344 10.18 18.44 -5.54
N TYR A 345 10.85 17.31 -5.76
CA TYR A 345 11.61 16.67 -4.71
C TYR A 345 12.82 17.52 -4.34
N PRO A 346 13.26 17.44 -3.08
CA PRO A 346 14.47 18.17 -2.69
C PRO A 346 15.68 17.64 -3.45
N ALA A 347 16.70 18.47 -3.61
CA ALA A 347 17.89 18.08 -4.36
C ALA A 347 18.69 16.98 -3.68
N TYR A 348 18.45 16.77 -2.39
CA TYR A 348 19.18 15.76 -1.63
C TYR A 348 18.44 14.41 -1.57
N LEU A 349 17.50 14.21 -2.48
CA LEU A 349 16.72 12.96 -2.51
C LEU A 349 17.62 11.72 -2.62
N LEU A 350 18.57 11.76 -3.55
CA LEU A 350 19.47 10.62 -3.77
C LEU A 350 20.28 10.29 -2.53
N ARG A 351 20.79 11.32 -1.86
CA ARG A 351 21.59 11.14 -0.65
C ARG A 351 20.76 10.51 0.46
N LYS A 352 19.51 10.94 0.59
CA LYS A 352 18.61 10.42 1.60
C LYS A 352 18.26 8.95 1.34
N LEU A 353 17.95 8.63 0.09
CA LEU A 353 17.69 7.25 -0.30
C LEU A 353 18.90 6.36 -0.01
N ALA A 354 20.09 6.91 -0.24
CA ALA A 354 21.32 6.18 0.01
C ALA A 354 21.50 5.84 1.49
N GLU A 355 21.06 6.74 2.37
CA GLU A 355 21.14 6.49 3.82
C GLU A 355 20.36 5.23 4.22
N PHE A 356 19.37 4.87 3.41
CA PHE A 356 18.60 3.65 3.62
C PHE A 356 19.29 2.44 3.00
N TYR A 357 19.47 2.46 1.68
CA TYR A 357 19.97 1.30 0.95
C TYR A 357 21.43 0.91 1.28
N GLU A 358 22.24 1.89 1.67
CA GLU A 358 23.63 1.61 2.00
C GLU A 358 23.78 0.83 3.31
N ARG A 359 22.67 0.64 4.02
CA ARG A 359 22.66 -0.15 5.25
C ARG A 359 22.59 -1.63 4.95
N SER A 360 22.20 -1.98 3.73
CA SER A 360 22.13 -3.38 3.34
C SER A 360 23.55 -3.93 3.22
N GLY A 361 23.67 -5.24 3.14
CA GLY A 361 24.99 -5.85 2.96
C GLY A 361 25.22 -7.03 3.86
N ARG A 362 26.15 -7.88 3.45
CA ARG A 362 26.61 -9.00 4.27
C ARG A 362 27.89 -8.57 4.98
N VAL A 363 27.97 -8.78 6.28
CA VAL A 363 29.09 -8.25 7.05
C VAL A 363 29.70 -9.25 8.03
N ARG A 364 30.92 -8.97 8.45
CA ARG A 364 31.50 -9.58 9.63
C ARG A 364 31.08 -8.72 10.82
N THR A 365 30.32 -9.30 11.74
CA THR A 365 29.80 -8.55 12.88
C THR A 365 30.89 -8.20 13.89
N LEU A 366 30.56 -7.34 14.85
CA LEU A 366 31.51 -6.96 15.89
C LEU A 366 31.95 -8.18 16.73
N ASN A 367 31.08 -9.18 16.81
CA ASN A 367 31.38 -10.42 17.53
C ASN A 367 31.93 -11.51 16.62
N ASP A 368 32.44 -11.11 15.46
CA ASP A 368 33.09 -12.01 14.51
C ASP A 368 32.21 -13.09 13.89
N LEU A 369 30.89 -12.89 13.93
CA LEU A 369 29.98 -13.78 13.22
C LEU A 369 29.63 -13.16 11.87
N GLU A 370 28.97 -13.93 11.01
CA GLU A 370 28.51 -13.41 9.73
C GLU A 370 27.02 -13.11 9.80
N GLY A 371 26.62 -11.93 9.35
CA GLY A 371 25.22 -11.56 9.29
C GLY A 371 24.95 -10.83 7.99
N SER A 372 23.68 -10.79 7.57
CA SER A 372 23.33 -10.12 6.33
C SER A 372 22.03 -9.33 6.48
N LEU A 373 21.96 -8.17 5.84
CA LEU A 373 20.72 -7.43 5.76
C LEU A 373 20.37 -7.20 4.29
N THR A 374 19.27 -7.82 3.86
CA THR A 374 18.80 -7.73 2.49
C THR A 374 17.62 -6.76 2.44
N ILE A 375 17.63 -5.83 1.48
CA ILE A 375 16.61 -4.78 1.44
C ILE A 375 15.83 -4.76 0.12
N ILE A 376 14.52 -4.91 0.23
CA ILE A 376 13.64 -4.83 -0.93
C ILE A 376 12.78 -3.57 -0.81
N GLY A 377 12.94 -2.64 -1.75
CA GLY A 377 12.19 -1.40 -1.73
C GLY A 377 11.19 -1.27 -2.86
N ALA A 378 9.91 -1.23 -2.51
CA ALA A 378 8.86 -0.98 -3.50
C ALA A 378 8.83 0.50 -3.87
N VAL A 379 8.55 0.79 -5.13
CA VAL A 379 8.46 2.18 -5.59
C VAL A 379 7.14 2.38 -6.31
N SER A 380 6.51 3.53 -6.10
CA SER A 380 5.20 3.81 -6.68
C SER A 380 5.23 5.00 -7.62
N PRO A 381 5.81 4.82 -8.82
CA PRO A 381 5.95 5.93 -9.78
C PRO A 381 4.61 6.47 -10.24
N PRO A 382 4.46 7.80 -10.24
CA PRO A 382 3.21 8.43 -10.69
C PRO A 382 2.91 8.06 -12.13
N GLY A 383 1.71 7.55 -12.39
CA GLY A 383 1.31 7.18 -13.74
C GLY A 383 2.09 6.00 -14.33
N GLY A 384 2.84 5.31 -13.49
CA GLY A 384 3.64 4.19 -13.96
C GLY A 384 4.86 4.59 -14.77
N ASP A 385 5.22 5.86 -14.73
CA ASP A 385 6.37 6.36 -15.48
C ASP A 385 7.66 6.12 -14.70
N PHE A 386 8.47 5.16 -15.15
CA PHE A 386 9.70 4.77 -14.46
C PHE A 386 10.80 5.84 -14.54
N SER A 387 10.63 6.82 -15.43
CA SER A 387 11.66 7.83 -15.64
C SER A 387 11.72 8.89 -14.53
N GLU A 388 10.88 8.72 -13.51
CA GLU A 388 10.78 9.69 -12.41
C GLU A 388 11.93 9.53 -11.41
N PRO A 389 12.21 10.59 -10.61
CA PRO A 389 13.40 10.64 -9.75
C PRO A 389 13.54 9.52 -8.72
N VAL A 390 12.46 9.14 -8.04
CA VAL A 390 12.55 8.09 -7.01
C VAL A 390 13.02 6.77 -7.61
N THR A 391 12.38 6.35 -8.70
CA THR A 391 12.76 5.12 -9.37
C THR A 391 14.19 5.20 -9.90
N GLN A 392 14.52 6.29 -10.59
CA GLN A 392 15.83 6.43 -11.22
C GLN A 392 16.97 6.53 -10.22
N ASN A 393 16.78 7.29 -9.15
CA ASN A 393 17.77 7.36 -8.09
C ASN A 393 18.00 5.99 -7.45
N THR A 394 16.91 5.29 -7.16
CA THR A 394 16.97 3.97 -6.56
C THR A 394 17.74 2.96 -7.41
N LEU A 395 17.59 3.06 -8.73
CA LEU A 395 18.26 2.14 -9.65
C LEU A 395 19.78 2.28 -9.61
N ARG A 396 20.27 3.43 -9.17
CA ARG A 396 21.72 3.62 -9.06
C ARG A 396 22.24 3.24 -7.68
N LEU A 397 21.37 2.71 -6.84
CA LEU A 397 21.74 2.30 -5.48
C LEU A 397 21.57 0.81 -5.23
N VAL A 398 20.63 0.17 -5.93
CA VAL A 398 20.30 -1.23 -5.65
C VAL A 398 20.96 -2.21 -6.62
N GLY A 399 20.88 -3.51 -6.30
CA GLY A 399 21.56 -4.53 -7.07
C GLY A 399 20.70 -5.22 -8.10
N ALA A 400 19.39 -4.95 -8.08
CA ALA A 400 18.48 -5.52 -9.07
C ALA A 400 17.23 -4.67 -9.27
N LEU A 401 16.68 -4.76 -10.48
CA LEU A 401 15.39 -4.15 -10.81
C LEU A 401 14.35 -5.25 -11.03
N TRP A 402 13.36 -5.30 -10.16
CA TRP A 402 12.23 -6.20 -10.35
C TRP A 402 11.04 -5.38 -10.84
N ALA A 403 11.02 -5.08 -12.13
CA ALA A 403 10.04 -4.15 -12.69
C ALA A 403 8.69 -4.78 -12.96
N LEU A 404 7.63 -4.16 -12.44
CA LEU A 404 6.28 -4.65 -12.66
C LEU A 404 5.63 -3.96 -13.85
N ASP A 405 4.85 -4.72 -14.61
CA ASP A 405 4.39 -4.26 -15.91
C ASP A 405 2.85 -4.19 -16.03
N SER A 406 2.35 -3.04 -16.44
CA SER A 406 0.92 -2.81 -16.61
C SER A 406 0.27 -3.83 -17.52
N LYS A 407 0.93 -4.14 -18.64
CA LYS A 407 0.38 -5.04 -19.64
C LYS A 407 0.17 -6.47 -19.11
N LEU A 408 1.12 -6.94 -18.31
CA LEU A 408 1.00 -8.26 -17.69
C LEU A 408 -0.09 -8.27 -16.62
N ALA A 409 -0.09 -7.27 -15.76
CA ALA A 409 -1.12 -7.15 -14.72
C ALA A 409 -2.51 -7.05 -15.32
N TYR A 410 -2.61 -6.30 -16.42
CA TYR A 410 -3.83 -6.14 -17.19
C TYR A 410 -4.50 -7.49 -17.50
N LYS A 411 -3.69 -8.45 -17.96
CA LYS A 411 -4.22 -9.76 -18.32
C LYS A 411 -4.04 -10.80 -17.21
N ARG A 412 -3.83 -10.31 -15.99
CA ARG A 412 -3.73 -11.17 -14.80
C ARG A 412 -2.58 -12.18 -14.84
N HIS A 413 -1.45 -11.73 -15.39
CA HIS A 413 -0.20 -12.47 -15.34
C HIS A 413 0.57 -11.98 -14.11
N TYR A 414 0.52 -12.74 -13.03
CA TYR A 414 1.22 -12.40 -11.80
C TYR A 414 2.22 -13.49 -11.41
N PRO A 415 3.41 -13.10 -10.92
CA PRO A 415 3.91 -11.72 -10.79
C PRO A 415 4.10 -11.05 -12.13
N ALA A 416 3.69 -9.78 -12.23
CA ALA A 416 3.79 -9.04 -13.49
C ALA A 416 5.19 -8.52 -13.77
N ILE A 417 6.19 -9.37 -13.58
CA ILE A 417 7.58 -8.99 -13.82
C ILE A 417 7.87 -8.86 -15.32
N ASN A 418 8.33 -7.67 -15.74
CA ASN A 418 8.80 -7.46 -17.11
C ASN A 418 10.16 -8.13 -17.28
N TYR A 419 10.16 -9.29 -17.94
CA TYR A 419 11.37 -10.10 -18.08
C TYR A 419 12.36 -9.58 -19.12
N LEU A 420 12.03 -8.47 -19.77
CA LEU A 420 12.93 -7.86 -20.74
C LEU A 420 13.62 -6.63 -20.15
N ILE A 421 12.92 -5.96 -19.23
CA ILE A 421 13.40 -4.72 -18.63
C ILE A 421 14.07 -4.98 -17.27
N SER A 422 13.55 -5.95 -16.52
CA SER A 422 14.13 -6.31 -15.24
C SER A 422 15.56 -6.83 -15.39
N TYR A 423 16.34 -6.72 -14.32
CA TYR A 423 17.73 -7.18 -14.32
C TYR A 423 18.22 -7.50 -12.92
N THR A 424 19.28 -8.29 -12.84
CA THR A 424 20.05 -8.42 -11.61
C THR A 424 21.52 -8.22 -11.94
N LYS A 425 22.23 -7.51 -11.07
CA LYS A 425 23.66 -7.30 -11.26
C LYS A 425 24.46 -8.28 -10.41
N GLN A 426 23.76 -9.24 -9.81
CA GLN A 426 24.37 -10.14 -8.84
C GLN A 426 24.34 -11.61 -9.25
N TRP A 427 24.04 -11.89 -10.51
CA TRP A 427 24.03 -13.27 -11.00
C TRP A 427 25.42 -13.92 -10.89
N GLU A 428 26.48 -13.14 -11.06
CA GLU A 428 27.83 -13.67 -11.01
C GLU A 428 28.21 -14.21 -9.64
N PHE A 429 27.51 -13.75 -8.60
CA PHE A 429 27.81 -14.16 -7.23
C PHE A 429 26.98 -15.35 -6.76
N VAL A 430 25.92 -15.67 -7.50
CA VAL A 430 25.01 -16.73 -7.08
C VAL A 430 24.97 -17.92 -8.06
N LYS A 431 25.53 -17.72 -9.25
CA LYS A 431 25.56 -18.79 -10.25
C LYS A 431 26.38 -19.98 -9.78
N LYS A 432 27.36 -19.70 -8.92
CA LYS A 432 28.17 -20.74 -8.29
C LYS A 432 27.26 -21.75 -7.60
N TYR A 433 26.40 -21.22 -6.74
CA TYR A 433 25.47 -22.03 -5.95
C TYR A 433 24.61 -22.93 -6.83
N PHE A 434 24.05 -22.36 -7.88
CA PHE A 434 23.14 -23.11 -8.75
C PHE A 434 23.88 -24.16 -9.58
N GLU A 435 25.08 -23.83 -10.04
CA GLU A 435 25.91 -24.76 -10.80
C GLU A 435 26.15 -26.05 -10.02
N GLU A 436 26.75 -25.91 -8.84
CA GLU A 436 27.05 -27.03 -7.94
C GLU A 436 25.86 -27.96 -7.74
N LEU A 437 24.76 -27.39 -7.26
CA LEU A 437 23.61 -28.19 -6.81
C LEU A 437 22.65 -28.51 -7.95
N TYR A 438 22.88 -27.91 -9.12
CA TYR A 438 22.04 -28.13 -10.29
C TYR A 438 22.77 -27.72 -11.57
N GLU A 439 23.46 -28.69 -12.18
CA GLU A 439 24.36 -28.42 -13.30
C GLU A 439 23.78 -27.65 -14.48
N ASP A 440 22.63 -28.08 -14.98
CA ASP A 440 22.09 -27.56 -16.24
C ASP A 440 21.19 -26.32 -16.14
N VAL A 441 20.99 -25.80 -14.93
CA VAL A 441 20.10 -24.64 -14.76
C VAL A 441 20.64 -23.35 -15.37
N ILE A 442 21.96 -23.23 -15.48
CA ILE A 442 22.56 -22.06 -16.11
C ILE A 442 22.23 -22.03 -17.61
N GLU A 443 22.32 -23.18 -18.27
CA GLU A 443 21.97 -23.28 -19.68
C GLU A 443 20.48 -23.05 -19.92
N ILE A 444 19.65 -23.68 -19.08
CA ILE A 444 18.20 -23.58 -19.22
C ILE A 444 17.71 -22.15 -18.98
N ARG A 445 18.36 -21.47 -18.03
CA ARG A 445 18.05 -20.07 -17.75
C ARG A 445 18.30 -19.22 -18.99
N GLU A 446 19.46 -19.39 -19.61
CA GLU A 446 19.80 -18.70 -20.85
C GLU A 446 18.80 -19.01 -21.94
N GLU A 447 18.35 -20.27 -21.95
CA GLU A 447 17.39 -20.75 -22.93
C GLU A 447 16.02 -20.08 -22.75
N PHE A 448 15.59 -19.96 -21.50
CA PHE A 448 14.34 -19.29 -21.18
C PHE A 448 14.38 -17.83 -21.64
N PHE A 449 15.47 -17.14 -21.32
CA PHE A 449 15.64 -15.76 -21.74
C PHE A 449 15.64 -15.62 -23.26
N ALA A 450 16.29 -16.56 -23.93
CA ALA A 450 16.38 -16.54 -25.39
C ALA A 450 15.02 -16.72 -26.05
N ILE A 451 14.20 -17.60 -25.48
CA ILE A 451 12.86 -17.88 -26.03
C ILE A 451 11.90 -16.71 -25.79
N LEU A 452 11.92 -16.16 -24.58
CA LEU A 452 11.07 -15.02 -24.24
C LEU A 452 11.42 -13.80 -25.09
N LYS A 453 12.71 -13.62 -25.38
CA LYS A 453 13.15 -12.52 -26.22
C LYS A 453 12.72 -12.72 -27.67
N ARG A 454 12.88 -13.94 -28.17
CA ARG A 454 12.51 -14.28 -29.54
C ARG A 454 11.00 -14.14 -29.74
N GLU A 455 10.23 -14.61 -28.76
CA GLU A 455 8.78 -14.45 -28.79
C GLU A 455 8.42 -12.97 -28.85
N SER A 456 9.13 -12.15 -28.09
CA SER A 456 8.90 -10.71 -28.08
C SER A 456 9.16 -10.10 -29.45
N GLU A 457 10.25 -10.51 -30.10
CA GLU A 457 10.59 -10.04 -31.44
C GLU A 457 9.50 -10.40 -32.45
N LEU A 458 8.83 -11.53 -32.21
CA LEU A 458 7.85 -12.06 -33.16
C LEU A 458 6.46 -11.45 -33.06
N MET A 459 6.12 -10.92 -31.89
CA MET A 459 4.76 -10.43 -31.64
C MET A 459 4.41 -9.14 -32.38
N ASP A 460 5.43 -8.46 -32.92
CA ASP A 460 5.24 -7.26 -33.72
C ASP A 460 4.95 -7.66 -35.16
N ILE A 461 5.61 -8.73 -35.59
CA ILE A 461 5.36 -9.33 -36.90
C ILE A 461 3.97 -9.97 -36.92
N VAL A 462 3.58 -10.54 -35.79
CA VAL A 462 2.26 -11.15 -35.62
C VAL A 462 1.13 -10.17 -35.95
N SER A 463 1.38 -8.89 -35.70
CA SER A 463 0.47 -7.83 -36.15
C SER A 463 0.55 -7.66 -37.67
N ILE A 464 0.44 -8.78 -38.37
CA ILE A 464 0.49 -8.86 -39.83
C ILE A 464 0.25 -10.33 -40.20
N VAL A 465 -0.64 -10.96 -39.42
CA VAL A 465 -0.98 -12.40 -39.43
C VAL A 465 -0.25 -13.24 -38.37
N GLY A 466 -0.95 -14.23 -37.83
CA GLY A 466 -0.43 -15.08 -36.76
C GLY A 466 -0.24 -16.53 -37.21
N ALA A 469 0.51 -17.27 -40.51
CA ALA A 469 1.42 -17.05 -41.62
C ALA A 469 2.87 -17.37 -41.24
N LEU A 470 3.16 -17.31 -39.94
CA LEU A 470 4.49 -17.61 -39.44
C LEU A 470 4.89 -19.05 -39.71
N SER A 471 6.20 -19.29 -39.86
CA SER A 471 6.71 -20.64 -40.07
C SER A 471 6.70 -21.43 -38.77
N ASP A 472 6.82 -22.75 -38.88
CA ASP A 472 6.85 -23.62 -37.70
C ASP A 472 8.05 -23.34 -36.81
N ASN A 473 9.18 -22.99 -37.43
CA ASN A 473 10.38 -22.65 -36.68
C ASN A 473 10.23 -21.36 -35.89
N GLU A 474 9.25 -20.55 -36.27
CA GLU A 474 8.91 -19.33 -35.53
C GLU A 474 7.80 -19.58 -34.51
N LYS A 475 6.77 -20.32 -34.94
CA LYS A 475 5.64 -20.65 -34.08
C LYS A 475 6.06 -21.39 -32.81
N ILE A 476 7.14 -22.15 -32.88
CA ILE A 476 7.61 -22.92 -31.74
C ILE A 476 8.04 -22.01 -30.59
N TYR A 477 8.43 -20.78 -30.91
CA TYR A 477 8.83 -19.82 -29.89
C TYR A 477 7.62 -19.25 -29.17
N LEU A 478 6.52 -19.10 -29.89
CA LEU A 478 5.26 -18.66 -29.30
C LEU A 478 4.70 -19.79 -28.44
N HIS A 479 4.96 -21.02 -28.84
CA HIS A 479 4.51 -22.21 -28.13
C HIS A 479 5.25 -22.35 -26.80
N MET A 480 6.58 -22.35 -26.87
CA MET A 480 7.42 -22.49 -25.69
C MET A 480 7.34 -21.27 -24.78
N GLY A 481 7.20 -20.09 -25.40
CA GLY A 481 7.06 -18.86 -24.65
C GLY A 481 5.82 -18.87 -23.77
N ARG A 482 4.72 -19.38 -24.33
CA ARG A 482 3.47 -19.51 -23.59
C ARG A 482 3.63 -20.47 -22.40
N ILE A 483 4.36 -21.55 -22.62
CA ILE A 483 4.60 -22.55 -21.58
C ILE A 483 5.43 -21.96 -20.43
N ILE A 484 6.46 -21.22 -20.78
CA ILE A 484 7.32 -20.58 -19.78
C ILE A 484 6.55 -19.53 -19.00
N ARG A 485 5.77 -18.72 -19.70
CA ARG A 485 4.97 -17.67 -19.06
C ARG A 485 3.87 -18.23 -18.16
N GLU A 486 3.07 -19.16 -18.70
CA GLU A 486 1.91 -19.67 -17.96
C GLU A 486 2.25 -20.80 -17.00
N GLY A 487 3.37 -21.48 -17.21
CA GLY A 487 3.73 -22.62 -16.39
C GLY A 487 4.88 -22.41 -15.43
N PHE A 488 5.68 -21.36 -15.66
CA PHE A 488 6.85 -21.12 -14.84
C PHE A 488 6.88 -19.72 -14.22
N LEU A 489 6.77 -18.69 -15.04
CA LEU A 489 6.86 -17.31 -14.56
C LEU A 489 5.66 -16.93 -13.69
N GLN A 490 4.46 -17.26 -14.15
CA GLN A 490 3.25 -17.00 -13.38
C GLN A 490 3.23 -17.85 -12.11
N GLN A 491 2.78 -17.25 -11.02
CA GLN A 491 2.72 -17.93 -9.73
C GLN A 491 1.60 -17.33 -8.89
N ASP A 492 0.59 -18.16 -8.58
CA ASP A 492 -0.58 -17.71 -7.84
C ASP A 492 -0.27 -17.62 -6.35
N ALA A 493 -0.24 -16.40 -5.84
CA ALA A 493 0.07 -16.15 -4.43
C ALA A 493 -1.01 -16.67 -3.49
N PHE A 494 -2.20 -16.90 -4.03
CA PHE A 494 -3.34 -17.28 -3.21
C PHE A 494 -3.88 -18.68 -3.56
N ASP A 495 -3.00 -19.51 -4.13
CA ASP A 495 -3.29 -20.92 -4.27
C ASP A 495 -2.43 -21.68 -3.27
N GLU A 496 -3.04 -22.63 -2.56
CA GLU A 496 -2.36 -23.36 -1.48
C GLU A 496 -1.10 -24.10 -1.95
N ASN A 497 -1.12 -24.56 -3.20
CA ASN A 497 0.00 -25.32 -3.73
C ASN A 497 1.05 -24.49 -4.46
N ASP A 498 0.62 -23.39 -5.09
CA ASP A 498 1.54 -22.60 -5.92
C ASP A 498 2.17 -21.41 -5.21
N SER A 499 1.58 -20.99 -4.09
CA SER A 499 2.07 -19.84 -3.34
C SER A 499 3.56 -19.91 -3.02
N TYR A 500 3.99 -21.05 -2.49
CA TYR A 500 5.40 -21.30 -2.23
C TYR A 500 5.99 -22.25 -3.25
N SER A 501 7.16 -21.90 -3.77
CA SER A 501 7.86 -22.75 -4.75
C SER A 501 9.27 -23.06 -4.28
N PRO A 502 9.46 -24.24 -3.66
CA PRO A 502 10.79 -24.65 -3.23
C PRO A 502 11.67 -24.93 -4.45
N LEU A 503 12.99 -24.93 -4.28
CA LEU A 503 13.89 -25.09 -5.39
C LEU A 503 13.67 -26.40 -6.17
N GLU A 504 13.37 -27.46 -5.45
CA GLU A 504 13.07 -28.75 -6.08
C GLU A 504 11.97 -28.61 -7.13
N LYS A 505 10.87 -27.97 -6.74
CA LYS A 505 9.76 -27.72 -7.67
C LYS A 505 10.20 -26.79 -8.81
N THR A 506 10.93 -25.74 -8.46
CA THR A 506 11.41 -24.78 -9.45
C THR A 506 12.33 -25.44 -10.48
N ILE A 507 13.32 -26.19 -9.99
CA ILE A 507 14.27 -26.88 -10.87
C ILE A 507 13.57 -27.92 -11.75
N GLU A 508 12.70 -28.72 -11.14
CA GLU A 508 11.98 -29.76 -11.87
C GLU A 508 11.13 -29.19 -12.99
N LEU A 509 10.51 -28.04 -12.74
CA LEU A 509 9.74 -27.35 -13.77
C LEU A 509 10.62 -26.94 -14.95
N MET A 510 11.81 -26.42 -14.64
CA MET A 510 12.75 -26.01 -15.67
C MET A 510 13.20 -27.23 -16.49
N ARG A 511 13.43 -28.35 -15.81
CA ARG A 511 13.92 -29.57 -16.46
C ARG A 511 12.90 -30.20 -17.40
N ILE A 512 11.63 -30.22 -16.98
CA ILE A 512 10.59 -30.82 -17.81
C ILE A 512 10.23 -29.93 -19.01
N ILE A 513 10.30 -28.60 -18.82
CA ILE A 513 10.10 -27.66 -19.91
C ILE A 513 11.22 -27.79 -20.92
N HIS A 514 12.46 -27.86 -20.42
CA HIS A 514 13.63 -28.04 -21.28
C HIS A 514 13.57 -29.37 -22.02
N LYS A 515 13.12 -30.42 -21.35
CA LYS A 515 13.00 -31.74 -21.93
C LYS A 515 11.95 -31.77 -23.04
N TYR A 516 10.85 -31.06 -22.81
CA TYR A 516 9.81 -30.92 -23.82
C TYR A 516 10.34 -30.16 -25.03
N TYR A 517 11.15 -29.14 -24.75
CA TYR A 517 11.72 -28.27 -25.78
C TYR A 517 12.63 -29.02 -26.75
N VAL A 518 13.57 -29.79 -26.20
CA VAL A 518 14.52 -30.52 -27.03
C VAL A 518 13.83 -31.58 -27.89
N THR A 519 12.72 -32.12 -27.39
CA THR A 519 11.95 -33.11 -28.13
C THR A 519 11.20 -32.48 -29.30
N VAL A 520 10.48 -31.40 -29.03
CA VAL A 520 9.71 -30.68 -30.05
C VAL A 520 10.60 -30.20 -31.20
N LYS A 521 11.77 -29.69 -30.86
CA LYS A 521 12.73 -29.22 -31.86
C LYS A 521 13.18 -30.35 -32.78
N GLN A 522 13.47 -31.50 -32.18
CA GLN A 522 13.90 -32.68 -32.94
C GLN A 522 12.80 -33.16 -33.89
N LEU A 523 11.55 -32.89 -33.53
CA LEU A 523 10.39 -33.38 -34.27
C LEU A 523 9.95 -32.42 -35.39
N LEU A 524 10.55 -31.24 -35.42
CA LEU A 524 10.29 -30.29 -36.50
C LEU A 524 10.92 -30.79 -37.79
N GLY A 525 10.12 -31.44 -38.63
CA GLY A 525 10.61 -31.98 -39.89
C GLY A 525 10.04 -33.35 -40.19
N ILE A 527 7.32 -33.78 -38.74
CA ILE A 527 5.91 -33.65 -38.39
C ILE A 527 5.58 -32.19 -38.06
N PRO A 528 4.36 -31.74 -38.40
CA PRO A 528 4.02 -30.33 -38.16
C PRO A 528 3.80 -30.04 -36.68
N LEU A 529 3.74 -28.76 -36.33
CA LEU A 529 3.51 -28.35 -34.94
C LEU A 529 2.05 -28.58 -34.55
N GLU A 530 1.16 -28.48 -35.54
CA GLU A 530 -0.27 -28.67 -35.33
C GLU A 530 -0.55 -30.04 -34.71
N GLU A 531 0.17 -31.06 -35.16
CA GLU A 531 -0.01 -32.42 -34.69
C GLU A 531 0.65 -32.67 -33.34
N ILE A 532 1.71 -31.92 -33.04
CA ILE A 532 2.41 -32.04 -31.76
C ILE A 532 1.56 -31.48 -30.62
N GLU A 533 1.00 -30.29 -30.83
CA GLU A 533 0.18 -29.62 -29.82
C GLU A 533 -1.08 -30.41 -29.48
N GLN A 534 -1.51 -31.25 -30.41
CA GLN A 534 -2.73 -32.04 -30.23
C GLN A 534 -2.59 -33.08 -29.12
N LYS A 535 -1.37 -33.54 -28.88
CA LYS A 535 -1.11 -34.50 -27.81
C LYS A 535 -1.42 -33.88 -26.44
N GLY A 536 -1.32 -32.56 -26.36
CA GLY A 536 -1.71 -31.83 -25.18
C GLY A 536 -0.75 -31.92 -24.01
N ILE A 537 0.52 -32.21 -24.30
CA ILE A 537 1.53 -32.30 -23.27
C ILE A 537 1.84 -30.92 -22.70
N HIS A 538 1.74 -29.89 -23.54
CA HIS A 538 2.01 -28.53 -23.11
C HIS A 538 1.00 -28.06 -22.06
N GLU A 539 -0.26 -28.45 -22.22
CA GLU A 539 -1.30 -28.09 -21.27
C GLU A 539 -1.15 -28.79 -19.92
N LYS A 540 -0.54 -29.98 -19.93
CA LYS A 540 -0.28 -30.71 -18.70
C LYS A 540 0.85 -30.07 -17.90
N ILE A 541 1.89 -29.64 -18.62
CA ILE A 541 3.02 -28.95 -18.01
C ILE A 541 2.59 -27.63 -17.36
N ILE A 542 1.73 -26.89 -18.05
CA ILE A 542 1.24 -25.61 -17.57
C ILE A 542 0.45 -25.74 -16.25
N LYS A 543 -0.23 -26.86 -16.07
CA LYS A 543 -1.03 -27.09 -14.87
C LYS A 543 -0.23 -27.64 -13.69
N LEU A 544 1.03 -27.98 -13.93
CA LEU A 544 1.89 -28.60 -12.91
C LEU A 544 1.99 -27.82 -11.61
N ARG A 545 2.22 -26.51 -11.72
CA ARG A 545 2.46 -25.66 -10.56
C ARG A 545 1.31 -25.62 -9.57
N TYR A 546 0.12 -26.00 -10.03
CA TYR A 546 -1.06 -26.03 -9.16
C TYR A 546 -1.18 -27.33 -8.36
N LYS A 547 -0.21 -28.23 -8.52
CA LYS A 547 -0.32 -29.54 -7.89
C LYS A 547 0.43 -29.65 -6.57
N SER A 548 0.01 -30.60 -5.73
CA SER A 548 0.44 -30.72 -4.34
C SER A 548 1.96 -30.67 -4.16
N LEU A 549 2.62 -31.72 -4.66
CA LEU A 549 4.06 -31.95 -4.55
C LEU A 549 4.16 -33.43 -4.83
N LYS A 550 3.46 -34.19 -4.01
CA LYS A 550 3.21 -35.61 -4.26
C LYS A 550 1.97 -35.73 -5.14
N GLU A 551 2.07 -35.12 -6.30
CA GLU A 551 1.08 -35.19 -7.38
C GLU A 551 1.81 -34.54 -8.54
N PHE A 552 2.65 -33.56 -8.17
CA PHE A 552 3.57 -32.89 -9.08
C PHE A 552 4.60 -33.89 -9.60
N ARG A 553 5.27 -34.58 -8.68
CA ARG A 553 6.29 -35.58 -9.04
C ARG A 553 5.70 -36.71 -9.87
N GLU A 554 4.48 -37.11 -9.55
CA GLU A 554 3.79 -38.18 -10.28
C GLU A 554 3.45 -37.74 -11.69
N GLU A 555 2.96 -36.51 -11.82
CA GLU A 555 2.58 -35.96 -13.12
C GLU A 555 3.78 -35.78 -14.04
N ILE A 556 4.93 -35.44 -13.46
CA ILE A 556 6.16 -35.28 -14.21
C ILE A 556 6.60 -36.61 -14.81
N LYS A 557 6.55 -37.66 -13.99
CA LYS A 557 6.83 -39.01 -14.46
C LYS A 557 5.88 -39.35 -15.59
N ALA A 558 4.61 -38.97 -15.43
CA ALA A 558 3.61 -39.20 -16.46
C ALA A 558 3.91 -38.44 -17.74
N ILE A 559 4.39 -37.21 -17.60
CA ILE A 559 4.73 -36.36 -18.75
C ILE A 559 5.98 -36.87 -19.47
N GLU A 560 6.98 -37.30 -18.70
CA GLU A 560 8.23 -37.80 -19.26
C GLU A 560 8.04 -38.99 -20.21
N GLN A 561 7.13 -39.90 -19.85
CA GLN A 561 6.83 -41.03 -20.73
C GLN A 561 6.09 -40.54 -21.96
N GLU A 562 5.09 -39.69 -21.73
CA GLU A 562 4.25 -39.15 -22.80
C GLU A 562 5.09 -38.41 -23.84
N ILE A 563 6.27 -37.94 -23.43
CA ILE A 563 7.27 -37.46 -24.37
C ILE A 563 7.95 -38.69 -24.98
N LEU A 564 7.15 -39.51 -25.64
CA LEU A 564 7.64 -40.66 -26.40
C LEU A 564 7.62 -40.29 -27.86
N SER A 565 8.76 -39.82 -28.35
CA SER A 565 8.88 -39.39 -29.74
C SER A 565 9.12 -40.58 -30.66
N LEU A 566 9.04 -41.79 -30.10
CA LEU A 566 9.23 -43.02 -30.85
C LEU A 566 8.06 -43.27 -31.80
N PRO B 2 -5.79 45.14 8.45
CA PRO B 2 -6.27 43.81 8.03
C PRO B 2 -6.38 43.73 6.51
N SER B 3 -6.78 42.57 6.02
CA SER B 3 -6.93 42.37 4.58
C SER B 3 -8.14 41.53 4.22
N ILE B 4 -8.82 41.91 3.14
CA ILE B 4 -9.88 41.07 2.59
C ILE B 4 -9.73 40.92 1.08
N LYS B 5 -9.65 39.67 0.62
CA LYS B 5 -9.94 39.34 -0.76
C LYS B 5 -10.59 37.97 -0.75
N PRO B 6 -11.93 37.94 -0.67
CA PRO B 6 -12.74 36.74 -0.47
C PRO B 6 -12.31 35.59 -1.38
N PRO B 7 -12.26 34.37 -0.83
CA PRO B 7 -12.65 34.04 0.54
C PRO B 7 -11.55 34.24 1.57
N LEU B 8 -10.48 34.95 1.23
CA LEU B 8 -9.34 35.09 2.14
C LEU B 8 -9.35 36.39 2.95
N ILE B 9 -9.09 36.26 4.26
CA ILE B 9 -8.82 37.42 5.10
C ILE B 9 -7.50 37.25 5.83
N ALA B 10 -6.74 38.35 5.93
CA ALA B 10 -5.52 38.38 6.74
C ALA B 10 -5.83 39.16 8.00
N VAL B 11 -5.45 38.60 9.15
CA VAL B 11 -5.90 39.15 10.41
C VAL B 11 -4.88 39.03 11.55
N GLU B 12 -4.92 39.99 12.47
CA GLU B 12 -3.99 40.02 13.59
C GLU B 12 -4.62 39.36 14.82
N LEU B 13 -3.96 38.32 15.32
CA LEU B 13 -4.47 37.58 16.48
C LEU B 13 -3.37 37.33 17.49
N GLU B 14 -3.70 37.47 18.77
CA GLU B 14 -2.77 37.08 19.83
C GLU B 14 -2.76 35.57 19.94
N ASN B 15 -1.59 34.97 19.72
CA ASN B 15 -1.42 33.52 19.75
C ASN B 15 -2.43 32.71 18.91
N PRO B 16 -2.31 32.80 17.58
CA PRO B 16 -3.22 32.11 16.67
C PRO B 16 -3.14 30.59 16.81
N MET B 17 -4.28 29.92 16.64
CA MET B 17 -4.33 28.46 16.67
C MET B 17 -4.58 27.94 15.27
N LEU B 18 -3.77 26.98 14.83
CA LEU B 18 -3.94 26.37 13.51
C LEU B 18 -5.27 25.64 13.45
N GLY B 19 -6.13 26.02 12.50
CA GLY B 19 -7.42 25.37 12.33
C GLY B 19 -8.54 25.99 13.15
N GLU B 20 -8.22 27.07 13.86
CA GLU B 20 -9.17 27.73 14.77
C GLU B 20 -10.37 28.34 14.06
N VAL B 21 -11.56 28.12 14.62
CA VAL B 21 -12.78 28.73 14.09
C VAL B 21 -12.98 30.11 14.72
N ILE B 22 -13.18 31.12 13.88
CA ILE B 22 -13.42 32.47 14.36
C ILE B 22 -14.76 33.01 13.87
N ASP B 23 -15.52 33.62 14.78
CA ASP B 23 -16.80 34.21 14.44
C ASP B 23 -16.65 35.66 13.99
N LEU B 24 -17.25 35.98 12.84
CA LEU B 24 -17.39 37.36 12.42
C LEU B 24 -18.85 37.74 12.60
N GLU B 25 -19.21 38.95 12.21
CA GLU B 25 -20.60 39.40 12.32
C GLU B 25 -21.58 38.44 11.66
N GLU B 26 -21.50 38.34 10.34
CA GLU B 26 -22.46 37.55 9.58
C GLU B 26 -21.93 36.18 9.13
N THR B 27 -20.71 35.84 9.52
CA THR B 27 -20.11 34.58 9.07
C THR B 27 -18.96 34.07 9.94
N LYS B 28 -18.44 32.89 9.59
CA LYS B 28 -17.31 32.31 10.30
C LYS B 28 -16.10 32.17 9.37
N ALA B 29 -14.96 31.84 9.96
CA ALA B 29 -13.74 31.59 9.19
C ALA B 29 -12.87 30.54 9.86
N ILE B 30 -12.00 29.91 9.08
CA ILE B 30 -11.05 28.95 9.60
C ILE B 30 -9.64 29.48 9.43
N VAL B 31 -8.86 29.52 10.51
CA VAL B 31 -7.47 29.94 10.43
C VAL B 31 -6.66 28.84 9.74
N ILE B 32 -6.05 29.19 8.61
CA ILE B 32 -5.31 28.21 7.82
C ILE B 32 -3.79 28.42 7.89
N ALA B 33 -3.37 29.54 8.46
CA ALA B 33 -1.95 29.83 8.62
C ALA B 33 -1.69 30.69 9.85
N ALA B 34 -0.54 30.48 10.49
CA ALA B 34 -0.20 31.22 11.72
C ALA B 34 1.30 31.40 11.91
N TYR B 35 1.74 32.66 11.89
CA TYR B 35 3.12 33.01 12.23
C TYR B 35 3.09 34.17 13.21
N GLU B 36 3.73 33.98 14.37
CA GLU B 36 3.69 34.95 15.46
C GLU B 36 2.25 35.37 15.76
N ASN B 37 1.91 36.62 15.45
CA ASN B 37 0.56 37.12 15.68
C ASN B 37 -0.20 37.40 14.38
N LYS B 38 0.29 36.85 13.28
CA LYS B 38 -0.38 37.00 11.98
C LYS B 38 -1.13 35.73 11.62
N ALA B 39 -2.37 35.88 11.16
CA ALA B 39 -3.17 34.73 10.76
C ALA B 39 -3.82 34.96 9.40
N LEU B 40 -3.96 33.87 8.64
CA LEU B 40 -4.76 33.90 7.41
C LEU B 40 -5.99 33.04 7.66
N ALA B 41 -7.15 33.51 7.24
CA ALA B 41 -8.38 32.76 7.45
C ALA B 41 -9.24 32.65 6.20
N LEU B 42 -9.99 31.55 6.10
CA LEU B 42 -10.88 31.32 4.97
C LEU B 42 -12.34 31.48 5.40
N LEU B 43 -13.05 32.39 4.74
CA LEU B 43 -14.45 32.65 5.05
C LEU B 43 -15.33 31.45 4.67
N PHE B 44 -16.34 31.20 5.49
CA PHE B 44 -17.32 30.15 5.22
C PHE B 44 -18.12 30.48 3.97
N ASP B 45 -18.46 31.75 3.81
CA ASP B 45 -19.26 32.20 2.67
C ASP B 45 -19.02 33.66 2.31
N TYR B 46 -19.81 34.16 1.38
CA TYR B 46 -19.71 35.54 0.91
C TYR B 46 -19.76 36.52 2.07
N TYR B 47 -18.73 37.35 2.19
CA TYR B 47 -18.64 38.33 3.26
C TYR B 47 -18.02 39.61 2.72
N THR B 48 -18.42 40.74 3.29
CA THR B 48 -18.12 42.06 2.73
C THR B 48 -17.95 43.06 3.86
N GLY B 49 -18.55 42.76 5.00
CA GLY B 49 -18.42 43.59 6.19
C GLY B 49 -16.98 43.71 6.66
N GLU B 50 -16.76 44.54 7.67
CA GLU B 50 -15.42 44.77 8.20
C GLU B 50 -14.93 43.56 9.00
N ILE B 51 -13.63 43.56 9.31
CA ILE B 51 -13.03 42.49 10.09
C ILE B 51 -12.19 43.02 11.26
N GLN B 53 -13.34 43.35 14.40
CA GLN B 53 -14.03 42.72 15.54
C GLN B 53 -14.17 41.22 15.33
N ILE B 54 -13.38 40.45 16.09
CA ILE B 54 -13.37 39.00 15.93
C ILE B 54 -13.62 38.26 17.24
N ASN B 55 -14.49 37.26 17.19
CA ASN B 55 -14.70 36.37 18.33
C ASN B 55 -14.10 35.00 18.07
N ARG B 56 -13.13 34.61 18.89
CA ARG B 56 -12.45 33.33 18.74
C ARG B 56 -13.13 32.24 19.55
N GLN B 57 -13.49 31.14 18.90
CA GLN B 57 -14.15 30.02 19.56
C GLN B 57 -13.17 29.24 20.44
N GLY B 58 -11.89 29.32 20.10
CA GLY B 58 -10.85 28.65 20.86
C GLY B 58 -10.76 27.17 20.54
N ASN B 59 -11.36 26.76 19.43
CA ASN B 59 -11.31 25.36 19.00
C ASN B 59 -11.36 25.22 17.48
N THR B 60 -10.93 24.06 16.98
CA THR B 60 -11.06 23.74 15.56
C THR B 60 -12.49 23.33 15.29
N TYR B 61 -12.86 23.21 14.01
CA TYR B 61 -14.26 22.97 13.65
C TYR B 61 -14.77 21.59 14.05
N LYS B 62 -15.91 21.58 14.73
CA LYS B 62 -16.53 20.35 15.20
C LYS B 62 -18.00 20.31 14.84
N ILE B 63 -18.56 19.10 14.78
CA ILE B 63 -20.00 18.94 14.57
C ILE B 63 -20.61 18.08 15.66
N ALA B 64 -21.86 18.33 15.99
CA ALA B 64 -22.60 17.48 16.90
C ALA B 64 -22.97 16.20 16.17
N VAL B 65 -22.60 15.05 16.73
CA VAL B 65 -22.92 13.77 16.11
C VAL B 65 -24.13 13.10 16.76
N SER B 66 -25.04 12.63 15.92
CA SER B 66 -26.25 11.93 16.37
C SER B 66 -26.93 11.31 15.16
N GLU B 67 -28.00 10.57 15.39
CA GLU B 67 -28.75 9.97 14.30
C GLU B 67 -29.77 10.96 13.73
N ASP B 68 -29.72 12.20 14.21
CA ASP B 68 -30.62 13.24 13.74
C ASP B 68 -30.38 13.61 12.28
N TYR B 69 -29.15 13.43 11.80
CA TYR B 69 -28.80 13.74 10.42
C TYR B 69 -29.54 12.85 9.44
N ILE B 70 -29.87 11.65 9.87
CA ILE B 70 -30.55 10.68 9.03
C ILE B 70 -31.94 11.19 8.62
N GLY B 71 -32.16 11.30 7.31
CA GLY B 71 -33.40 11.84 6.79
C GLY B 71 -33.28 13.30 6.40
N GLY B 72 -32.09 13.88 6.62
CA GLY B 72 -31.88 15.29 6.37
C GLY B 72 -30.91 15.62 5.26
N ILE B 73 -30.94 16.89 4.85
CA ILE B 73 -30.02 17.44 3.85
C ILE B 73 -29.28 18.62 4.46
N PHE B 74 -27.96 18.63 4.31
CA PHE B 74 -27.10 19.61 4.98
C PHE B 74 -26.09 20.19 3.99
N ASN B 75 -25.48 21.32 4.36
CA ASN B 75 -24.39 21.85 3.54
C ASN B 75 -23.06 21.19 3.91
N GLY B 76 -21.95 21.70 3.37
CA GLY B 76 -20.64 21.12 3.62
C GLY B 76 -20.16 21.25 5.06
N PHE B 77 -20.77 22.17 5.80
CA PHE B 77 -20.40 22.38 7.20
C PHE B 77 -21.26 21.54 8.14
N GLY B 78 -22.24 20.82 7.58
CA GLY B 78 -23.13 20.02 8.39
C GLY B 78 -24.32 20.81 8.90
N GLU B 79 -24.49 22.02 8.40
CA GLU B 79 -25.62 22.86 8.78
C GLU B 79 -26.83 22.50 7.94
N PRO B 80 -28.01 22.41 8.59
CA PRO B 80 -29.20 21.95 7.89
C PRO B 80 -29.65 22.89 6.77
N ILE B 81 -30.04 22.31 5.65
CA ILE B 81 -30.64 23.07 4.57
C ILE B 81 -32.16 22.99 4.72
N LYS B 82 -32.66 21.77 4.91
CA LYS B 82 -34.10 21.53 4.99
C LYS B 82 -34.78 22.26 6.15
N GLY B 83 -34.08 22.43 7.27
CA GLY B 83 -34.66 23.16 8.38
C GLY B 83 -34.17 22.89 9.80
N PRO B 84 -34.46 21.69 10.34
CA PRO B 84 -34.26 21.45 11.77
C PRO B 84 -32.83 21.06 12.15
N LYS B 85 -32.30 21.73 13.16
CA LYS B 85 -30.95 21.46 13.65
C LYS B 85 -30.89 20.17 14.47
N PRO B 86 -29.82 19.38 14.29
CA PRO B 86 -29.61 18.17 15.09
C PRO B 86 -29.18 18.52 16.51
N TYR B 87 -29.30 17.58 17.45
CA TYR B 87 -29.10 17.87 18.86
C TYR B 87 -27.66 18.21 19.24
N PRO B 88 -27.46 19.41 19.81
CA PRO B 88 -26.17 19.82 20.38
C PRO B 88 -26.01 19.33 21.82
N GLU B 89 -24.94 18.57 22.07
CA GLU B 89 -23.95 18.32 21.04
C GLU B 89 -23.39 16.91 20.92
N ASP B 90 -22.42 16.60 21.79
CA ASP B 90 -21.45 15.53 21.53
C ASP B 90 -20.64 15.92 20.30
N TYR B 91 -19.76 16.92 20.48
CA TYR B 91 -19.02 17.52 19.37
C TYR B 91 -17.73 16.76 19.04
N ARG B 92 -17.48 16.59 17.75
CA ARG B 92 -16.33 15.82 17.29
C ARG B 92 -15.49 16.59 16.28
N ASP B 93 -14.18 16.49 16.40
CA ASP B 93 -13.26 16.98 15.39
C ASP B 93 -13.61 16.30 14.06
N ILE B 94 -13.85 17.11 13.03
CA ILE B 94 -14.27 16.58 11.74
C ILE B 94 -13.15 15.87 10.99
N ASN B 95 -11.91 16.13 11.40
CA ASN B 95 -10.76 15.41 10.83
C ASN B 95 -10.70 13.99 11.36
N GLY B 96 -11.17 13.79 12.59
CA GLY B 96 -11.16 12.48 13.20
C GLY B 96 -9.76 11.97 13.50
N LEU B 97 -9.64 10.65 13.67
CA LEU B 97 -8.36 10.03 13.97
C LEU B 97 -8.12 8.84 13.06
N ALA B 98 -6.86 8.47 12.88
CA ALA B 98 -6.52 7.26 12.12
C ALA B 98 -6.99 6.02 12.87
N ILE B 99 -7.54 5.06 12.13
CA ILE B 99 -7.92 3.78 12.72
C ILE B 99 -6.67 2.92 12.96
N ASN B 100 -6.60 2.29 14.13
CA ASN B 100 -5.53 1.37 14.44
C ASN B 100 -5.69 0.09 13.61
N PRO B 101 -4.69 -0.23 12.77
CA PRO B 101 -4.77 -1.44 11.94
C PRO B 101 -4.86 -2.73 12.75
N TYR B 102 -4.43 -2.68 14.01
CA TYR B 102 -4.61 -3.82 14.92
C TYR B 102 -6.09 -4.03 15.20
N ALA B 103 -6.86 -2.95 15.16
CA ALA B 103 -8.28 -2.99 15.49
C ALA B 103 -9.15 -3.33 14.28
N ARG B 104 -8.56 -3.31 13.08
CA ARG B 104 -9.31 -3.60 11.87
C ARG B 104 -9.60 -5.09 11.68
N LYS B 105 -10.62 -5.36 10.86
CA LYS B 105 -10.84 -6.69 10.31
C LYS B 105 -10.83 -6.55 8.79
N VAL B 106 -10.14 -7.46 8.10
CA VAL B 106 -10.09 -7.42 6.65
C VAL B 106 -11.43 -7.83 6.06
N PRO B 107 -12.00 -6.98 5.19
CA PRO B 107 -13.27 -7.27 4.50
C PRO B 107 -13.25 -8.63 3.82
N ASN B 108 -14.32 -9.40 3.96
CA ASN B 108 -14.38 -10.76 3.43
C ASN B 108 -15.80 -11.16 3.00
N GLU B 109 -16.72 -10.21 3.08
CA GLU B 109 -18.12 -10.47 2.78
C GLU B 109 -18.58 -9.68 1.56
N ILE B 110 -18.92 -10.38 0.47
CA ILE B 110 -19.37 -9.73 -0.76
C ILE B 110 -20.72 -9.04 -0.60
N LEU B 111 -20.78 -7.77 -1.01
CA LEU B 111 -22.05 -7.06 -1.15
C LEU B 111 -22.49 -7.17 -2.61
N TYR B 112 -23.51 -7.98 -2.87
CA TYR B 112 -23.96 -8.17 -4.25
C TYR B 112 -24.71 -6.97 -4.81
N THR B 113 -24.24 -6.48 -5.96
CA THR B 113 -24.79 -5.30 -6.60
C THR B 113 -25.88 -5.67 -7.58
N GLY B 114 -25.86 -6.90 -8.05
CA GLY B 114 -26.80 -7.35 -9.07
C GLY B 114 -26.32 -7.00 -10.46
N ILE B 115 -25.13 -6.42 -10.52
CA ILE B 115 -24.51 -6.02 -11.79
C ILE B 115 -23.42 -7.02 -12.17
N SER B 116 -23.62 -7.74 -13.27
CA SER B 116 -22.73 -8.83 -13.68
C SER B 116 -21.27 -8.40 -13.86
N SER B 117 -21.07 -7.27 -14.54
CA SER B 117 -19.73 -6.77 -14.81
C SER B 117 -18.95 -6.43 -13.54
N ILE B 118 -19.68 -6.28 -12.43
CA ILE B 118 -19.04 -6.07 -11.12
C ILE B 118 -18.97 -7.37 -10.32
N ASP B 119 -20.12 -8.01 -10.10
CA ASP B 119 -20.23 -9.13 -9.17
C ASP B 119 -19.33 -10.33 -9.44
N VAL B 120 -19.16 -10.71 -10.70
CA VAL B 120 -18.36 -11.89 -11.04
C VAL B 120 -16.87 -11.68 -10.83
N ALA B 121 -16.28 -10.74 -11.55
CA ALA B 121 -14.83 -10.57 -11.54
C ALA B 121 -14.33 -9.52 -10.54
N HIS B 122 -15.16 -8.53 -10.24
CA HIS B 122 -14.70 -7.44 -9.37
C HIS B 122 -15.66 -7.10 -8.24
N PRO B 123 -16.07 -8.10 -7.43
CA PRO B 123 -17.12 -7.83 -6.45
C PRO B 123 -16.70 -6.85 -5.34
N LEU B 124 -17.66 -6.06 -4.89
CA LEU B 124 -17.47 -5.14 -3.77
C LEU B 124 -17.68 -5.88 -2.47
N LEU B 125 -16.80 -5.66 -1.50
CA LEU B 125 -16.92 -6.30 -0.19
C LEU B 125 -17.34 -5.29 0.88
N LYS B 126 -18.00 -5.76 1.93
CA LYS B 126 -18.45 -4.86 2.98
C LYS B 126 -17.28 -4.30 3.77
N GLY B 127 -17.17 -2.98 3.81
CA GLY B 127 -16.05 -2.32 4.47
C GLY B 127 -14.97 -1.92 3.49
N GLN B 128 -15.14 -2.30 2.22
CA GLN B 128 -14.15 -1.97 1.20
C GLN B 128 -14.28 -0.52 0.74
N LYS B 129 -13.16 0.08 0.34
CA LYS B 129 -13.18 1.35 -0.34
C LYS B 129 -12.80 1.13 -1.80
N ILE B 130 -13.69 1.51 -2.70
CA ILE B 130 -13.45 1.30 -4.12
C ILE B 130 -14.01 2.45 -4.95
N ALA B 131 -13.20 2.99 -5.85
CA ALA B 131 -13.57 4.18 -6.60
C ALA B 131 -14.23 3.87 -7.93
N ILE B 132 -14.99 4.83 -8.45
CA ILE B 132 -15.45 4.77 -9.83
C ILE B 132 -14.71 5.87 -10.61
N PHE B 133 -13.97 5.48 -11.64
CA PHE B 133 -13.28 6.44 -12.50
C PHE B 133 -14.09 6.58 -13.78
N SER B 134 -14.37 7.81 -14.18
CA SER B 134 -15.14 8.03 -15.41
C SER B 134 -14.58 9.12 -16.29
N PRO B 135 -14.61 8.89 -17.62
CA PRO B 135 -14.40 9.97 -18.58
C PRO B 135 -15.53 10.98 -18.42
N PRO B 136 -15.29 12.25 -18.78
CA PRO B 136 -16.40 13.22 -18.73
C PRO B 136 -17.57 12.76 -19.58
N GLY B 137 -18.80 12.95 -19.09
CA GLY B 137 -19.98 12.63 -19.87
C GLY B 137 -20.59 11.26 -19.69
N LEU B 138 -19.82 10.32 -19.14
CA LEU B 138 -20.29 8.94 -19.00
C LEU B 138 -21.17 8.76 -17.75
N PRO B 139 -22.10 7.79 -17.79
CA PRO B 139 -23.11 7.64 -16.72
C PRO B 139 -22.58 7.08 -15.41
N MET B 140 -21.60 7.75 -14.82
CA MET B 140 -21.05 7.35 -13.53
C MET B 140 -22.07 7.47 -12.41
N GLU B 141 -22.95 8.46 -12.51
CA GLU B 141 -23.97 8.70 -11.50
C GLU B 141 -25.01 7.59 -11.47
N ARG B 142 -25.46 7.16 -12.65
CA ARG B 142 -26.40 6.05 -12.74
C ARG B 142 -25.81 4.78 -12.14
N LEU B 143 -24.53 4.54 -12.40
CA LEU B 143 -23.86 3.34 -11.88
C LEU B 143 -23.84 3.34 -10.35
N ALA B 144 -23.50 4.48 -9.76
CA ALA B 144 -23.43 4.60 -8.31
C ALA B 144 -24.80 4.39 -7.67
N LEU B 145 -25.83 4.95 -8.30
CA LEU B 145 -27.19 4.84 -7.82
C LEU B 145 -27.72 3.41 -7.92
N GLN B 146 -27.38 2.73 -9.00
CA GLN B 146 -27.80 1.33 -9.18
C GLN B 146 -27.12 0.44 -8.13
N ILE B 147 -25.87 0.76 -7.80
CA ILE B 147 -25.15 0.04 -6.75
C ILE B 147 -25.79 0.30 -5.39
N ALA B 148 -26.00 1.58 -5.07
CA ALA B 148 -26.59 1.98 -3.79
C ALA B 148 -27.98 1.36 -3.58
N ARG B 149 -28.75 1.27 -4.67
CA ARG B 149 -30.10 0.70 -4.61
C ARG B 149 -30.08 -0.75 -4.12
N ASN B 150 -29.03 -1.48 -4.43
CA ASN B 150 -28.99 -2.92 -4.16
C ASN B 150 -28.16 -3.38 -2.95
N VAL B 151 -27.16 -2.58 -2.57
CA VAL B 151 -26.27 -2.97 -1.47
C VAL B 151 -26.57 -2.26 -0.16
N ALA B 152 -27.52 -1.34 -0.18
CA ALA B 152 -27.83 -0.53 1.00
C ALA B 152 -29.30 -0.55 1.39
N LYS B 153 -29.98 -1.65 1.10
CA LYS B 153 -31.38 -1.83 1.48
C LYS B 153 -31.57 -1.86 2.99
N ASP B 154 -30.49 -2.20 3.68
CA ASP B 154 -30.51 -2.37 5.13
C ASP B 154 -29.60 -1.36 5.83
N LYS B 155 -28.96 -0.49 5.06
CA LYS B 155 -27.93 0.39 5.58
C LYS B 155 -28.25 1.87 5.45
N THR B 156 -27.65 2.69 6.31
CA THR B 156 -27.71 4.13 6.16
C THR B 156 -26.82 4.54 4.99
N ILE B 157 -27.34 5.36 4.10
CA ILE B 157 -26.55 5.90 3.00
C ILE B 157 -26.14 7.34 3.31
N ILE B 158 -24.85 7.63 3.23
CA ILE B 158 -24.37 9.00 3.36
C ILE B 158 -23.81 9.48 2.03
N PHE B 159 -24.37 10.56 1.51
CA PHE B 159 -23.98 11.10 0.22
C PHE B 159 -23.29 12.45 0.39
N ALA B 160 -22.02 12.51 -0.03
CA ALA B 160 -21.28 13.76 0.00
C ALA B 160 -21.14 14.33 -1.42
N ALA B 161 -21.83 15.45 -1.67
CA ALA B 161 -21.74 16.11 -2.97
C ALA B 161 -20.75 17.26 -2.89
N ILE B 162 -19.61 17.11 -3.57
CA ILE B 162 -18.53 18.08 -3.48
C ILE B 162 -18.43 18.93 -4.75
N GLY B 163 -19.06 20.10 -4.73
CA GLY B 163 -18.96 21.06 -5.82
C GLY B 163 -19.54 20.65 -7.16
N VAL B 164 -20.46 19.69 -7.15
CA VAL B 164 -21.13 19.26 -8.38
C VAL B 164 -22.33 20.16 -8.69
N PRO B 165 -22.69 20.30 -9.98
CA PRO B 165 -23.82 21.14 -10.37
C PRO B 165 -25.15 20.60 -9.83
N SER B 166 -26.18 21.45 -9.77
CA SER B 166 -27.46 21.06 -9.17
C SER B 166 -28.12 19.88 -9.88
N ASP B 167 -27.97 19.82 -11.20
CA ASP B 167 -28.48 18.69 -11.97
C ASP B 167 -27.99 17.35 -11.42
N ILE B 168 -26.75 17.33 -10.95
CA ILE B 168 -26.14 16.10 -10.46
C ILE B 168 -26.66 15.71 -9.07
N TYR B 169 -26.55 16.61 -8.09
CA TYR B 169 -27.01 16.25 -6.75
C TYR B 169 -28.53 16.10 -6.62
N LYS B 170 -29.28 16.76 -7.49
CA LYS B 170 -30.73 16.57 -7.52
C LYS B 170 -31.10 15.22 -8.14
N MET B 171 -30.24 14.73 -9.04
CA MET B 171 -30.44 13.40 -9.62
C MET B 171 -30.36 12.32 -8.53
N PHE B 172 -29.41 12.50 -7.61
CA PHE B 172 -29.27 11.59 -6.48
C PHE B 172 -30.45 11.69 -5.53
N ILE B 173 -30.75 12.91 -5.09
CA ILE B 173 -31.85 13.17 -4.17
C ILE B 173 -33.18 12.62 -4.67
N ASP B 174 -33.48 12.88 -5.94
CA ASP B 174 -34.73 12.42 -6.55
C ASP B 174 -34.83 10.90 -6.63
N GLU B 175 -33.72 10.22 -6.92
CA GLU B 175 -33.70 8.76 -6.98
C GLU B 175 -33.87 8.15 -5.59
N PHE B 176 -33.22 8.76 -4.59
CA PHE B 176 -33.36 8.32 -3.21
C PHE B 176 -34.80 8.48 -2.73
N ILE B 177 -35.46 9.53 -3.19
CA ILE B 177 -36.85 9.79 -2.86
C ILE B 177 -37.78 8.79 -3.56
N ASN B 178 -37.55 8.55 -4.84
CA ASN B 178 -38.39 7.63 -5.61
C ASN B 178 -38.22 6.16 -5.20
N THR B 179 -37.04 5.83 -4.67
CA THR B 179 -36.77 4.46 -4.20
C THR B 179 -37.02 4.33 -2.69
N LYS B 180 -37.48 5.42 -2.08
CA LYS B 180 -37.79 5.48 -0.64
C LYS B 180 -36.57 5.22 0.25
N ALA B 181 -35.39 5.57 -0.24
CA ALA B 181 -34.17 5.44 0.55
C ALA B 181 -33.83 6.75 1.25
N ILE B 182 -34.57 7.80 0.92
CA ILE B 182 -34.29 9.14 1.42
C ILE B 182 -34.38 9.29 2.95
N MET B 183 -35.29 8.53 3.57
CA MET B 183 -35.49 8.63 5.00
C MET B 183 -34.35 7.99 5.80
N ASN B 184 -33.64 7.07 5.17
CA ASN B 184 -32.47 6.48 5.79
C ASN B 184 -31.19 6.94 5.10
N SER B 185 -31.14 8.24 4.81
CA SER B 185 -29.98 8.85 4.18
C SER B 185 -29.64 10.20 4.80
N ALA B 186 -28.35 10.53 4.82
CA ALA B 186 -27.91 11.86 5.21
C ALA B 186 -27.13 12.44 4.04
N ILE B 187 -27.52 13.63 3.60
CA ILE B 187 -26.94 14.23 2.41
C ILE B 187 -26.21 15.54 2.72
N PHE B 188 -24.95 15.62 2.29
CA PHE B 188 -24.14 16.81 2.52
C PHE B 188 -23.72 17.42 1.19
N ILE B 189 -24.06 18.69 0.99
CA ILE B 189 -23.87 19.34 -0.30
C ILE B 189 -23.09 20.64 -0.20
N SER B 190 -21.98 20.74 -0.92
CA SER B 190 -21.32 22.02 -1.14
C SER B 190 -21.47 22.38 -2.62
N LYS B 191 -22.01 23.56 -2.89
CA LYS B 191 -22.26 23.99 -4.27
C LYS B 191 -20.97 24.28 -5.03
N ALA B 192 -21.04 24.24 -6.36
CA ALA B 192 -19.87 24.43 -7.21
C ALA B 192 -19.19 25.79 -7.01
N ASP B 193 -19.97 26.81 -6.66
CA ASP B 193 -19.43 28.15 -6.49
C ASP B 193 -19.20 28.52 -5.01
N SER B 194 -19.19 27.51 -4.14
CA SER B 194 -18.99 27.74 -2.72
C SER B 194 -17.52 27.98 -2.36
N SER B 195 -17.29 28.45 -1.13
CA SER B 195 -15.93 28.63 -0.64
C SER B 195 -15.19 27.29 -0.63
N PRO B 196 -13.89 27.31 -0.93
CA PRO B 196 -13.13 26.07 -0.96
C PRO B 196 -13.09 25.37 0.40
N ILE B 197 -13.21 26.11 1.49
CA ILE B 197 -13.22 25.50 2.82
C ILE B 197 -14.48 24.64 3.03
N GLU B 198 -15.60 25.04 2.45
CA GLU B 198 -16.82 24.23 2.56
C GLU B 198 -16.69 22.95 1.75
N LYS B 199 -16.02 23.05 0.62
CA LYS B 199 -15.83 21.89 -0.26
C LYS B 199 -14.98 20.81 0.39
N ILE B 200 -13.87 21.19 1.03
CA ILE B 200 -12.99 20.20 1.62
C ILE B 200 -13.52 19.67 2.96
N TYR B 201 -14.43 20.41 3.58
CA TYR B 201 -15.08 19.95 4.82
C TYR B 201 -16.23 18.98 4.55
N THR B 202 -16.78 19.03 3.34
CA THR B 202 -17.91 18.18 2.98
C THR B 202 -17.66 16.68 3.23
N PRO B 203 -16.55 16.13 2.68
CA PRO B 203 -16.36 14.70 2.95
C PRO B 203 -15.98 14.43 4.41
N ARG B 204 -15.41 15.43 5.08
CA ARG B 204 -14.97 15.26 6.47
C ARG B 204 -16.15 15.18 7.45
N VAL B 205 -17.16 16.03 7.26
CA VAL B 205 -18.33 15.98 8.13
C VAL B 205 -19.15 14.72 7.83
N ALA B 206 -19.19 14.32 6.57
CA ALA B 206 -19.91 13.12 6.16
C ALA B 206 -19.29 11.86 6.75
N LEU B 207 -17.96 11.80 6.74
CA LEU B 207 -17.24 10.66 7.29
C LEU B 207 -17.20 10.67 8.82
N THR B 208 -17.23 11.86 9.41
CA THR B 208 -17.34 11.96 10.88
C THR B 208 -18.66 11.36 11.33
N LEU B 209 -19.74 11.65 10.60
CA LEU B 209 -21.03 11.04 10.88
C LEU B 209 -20.98 9.54 10.63
N ALA B 210 -20.32 9.14 9.54
CA ALA B 210 -20.23 7.74 9.17
C ALA B 210 -19.51 6.91 10.24
N GLU B 211 -18.42 7.44 10.77
CA GLU B 211 -17.65 6.77 11.81
C GLU B 211 -18.46 6.65 13.11
N TYR B 212 -19.27 7.67 13.40
CA TYR B 212 -20.13 7.64 14.56
C TYR B 212 -21.18 6.56 14.41
N LEU B 213 -21.87 6.55 13.28
CA LEU B 213 -22.92 5.58 13.02
C LEU B 213 -22.41 4.14 12.97
N ALA B 214 -21.26 3.94 12.33
CA ALA B 214 -20.73 2.60 12.13
C ALA B 214 -20.03 2.03 13.35
N PHE B 215 -19.25 2.86 14.03
CA PHE B 215 -18.36 2.37 15.09
C PHE B 215 -18.81 2.70 16.50
N GLU B 216 -19.82 3.56 16.63
CA GLU B 216 -20.42 3.85 17.93
C GLU B 216 -21.83 3.27 18.03
N LYS B 217 -22.58 3.34 16.93
CA LYS B 217 -23.93 2.80 16.91
C LYS B 217 -23.98 1.44 16.24
N ASN B 218 -22.80 0.89 15.93
CA ASN B 218 -22.66 -0.47 15.40
C ASN B 218 -23.49 -0.77 14.14
N ARG B 219 -23.43 0.14 13.17
CA ARG B 219 -24.18 -0.04 11.92
C ARG B 219 -23.25 -0.32 10.73
N ASP B 220 -23.83 -0.85 9.67
CA ASP B 220 -23.15 -0.92 8.39
C ASP B 220 -23.56 0.30 7.58
N VAL B 221 -22.58 1.05 7.10
CA VAL B 221 -22.84 2.32 6.42
C VAL B 221 -22.27 2.32 5.00
N LEU B 222 -23.02 2.90 4.06
CA LEU B 222 -22.53 3.12 2.71
C LEU B 222 -22.29 4.61 2.47
N VAL B 223 -21.06 4.96 2.11
CA VAL B 223 -20.75 6.35 1.82
C VAL B 223 -20.42 6.53 0.34
N LEU B 224 -21.17 7.42 -0.31
CA LEU B 224 -20.91 7.80 -1.70
C LEU B 224 -20.41 9.24 -1.74
N MET B 225 -19.31 9.48 -2.46
CA MET B 225 -18.85 10.86 -2.63
C MET B 225 -18.39 11.18 -4.05
N LEU B 226 -18.69 12.41 -4.48
CA LEU B 226 -18.52 12.86 -5.85
C LEU B 226 -18.49 14.38 -5.77
N ASP B 227 -17.57 15.04 -6.46
CA ASP B 227 -16.56 14.45 -7.34
C ASP B 227 -15.20 14.73 -6.72
N MET B 228 -14.34 13.71 -6.63
CA MET B 228 -13.05 13.88 -5.97
C MET B 228 -12.14 14.84 -6.74
N THR B 229 -12.39 15.02 -8.02
CA THR B 229 -11.63 15.97 -8.82
C THR B 229 -11.94 17.40 -8.39
N ASN B 230 -13.19 17.65 -8.02
CA ASN B 230 -13.57 18.96 -7.48
C ASN B 230 -12.98 19.17 -6.10
N TYR B 231 -12.87 18.09 -5.32
CA TYR B 231 -12.25 18.16 -4.01
C TYR B 231 -10.79 18.56 -4.11
N ALA B 232 -10.06 17.91 -5.00
CA ALA B 232 -8.66 18.24 -5.22
C ALA B 232 -8.49 19.69 -5.67
N ASP B 233 -9.43 20.17 -6.48
CA ASP B 233 -9.40 21.54 -6.97
C ASP B 233 -9.53 22.54 -5.82
N ALA B 234 -10.41 22.24 -4.89
CA ALA B 234 -10.60 23.09 -3.72
C ALA B 234 -9.36 23.09 -2.82
N LEU B 235 -8.75 21.91 -2.67
CA LEU B 235 -7.54 21.78 -1.88
C LEU B 235 -6.39 22.59 -2.48
N ARG B 236 -6.32 22.61 -3.81
CA ARG B 236 -5.31 23.37 -4.52
C ARG B 236 -5.56 24.87 -4.35
N GLU B 237 -6.83 25.25 -4.33
CA GLU B 237 -7.20 26.64 -4.15
C GLU B 237 -6.69 27.16 -2.81
N ILE B 238 -6.91 26.37 -1.76
CA ILE B 238 -6.46 26.70 -0.42
C ILE B 238 -4.94 26.67 -0.34
N SER B 239 -4.33 25.64 -0.92
CA SER B 239 -2.88 25.51 -0.93
C SER B 239 -2.19 26.71 -1.58
N THR B 240 -2.85 27.27 -2.59
CA THR B 240 -2.30 28.41 -3.34
C THR B 240 -2.53 29.73 -2.60
N LEU B 241 -3.59 29.79 -1.80
CA LEU B 241 -3.88 30.97 -0.98
C LEU B 241 -2.85 31.11 0.14
N ARG B 242 -2.59 29.99 0.83
CA ARG B 242 -1.37 29.83 1.58
C ARG B 242 -0.30 29.94 0.51
N LYS B 243 0.83 30.56 0.78
CA LYS B 243 1.81 30.72 -0.29
C LYS B 243 2.67 29.46 -0.45
N GLU B 244 2.02 28.29 -0.48
CA GLU B 244 2.71 27.00 -0.57
C GLU B 244 3.39 26.78 -1.91
N ILE B 245 4.51 26.04 -1.87
CA ILE B 245 5.22 25.67 -3.08
C ILE B 245 4.48 24.55 -3.81
N PRO B 246 3.95 24.86 -5.01
CA PRO B 246 3.07 23.96 -5.75
C PRO B 246 3.81 22.75 -6.31
N SER B 247 3.09 21.65 -6.49
CA SER B 247 3.64 20.47 -7.16
C SER B 247 3.03 20.33 -8.54
N ARG B 248 2.95 19.11 -9.04
CA ARG B 248 2.39 18.80 -10.36
C ARG B 248 1.03 19.46 -10.60
N ARG B 249 0.95 20.28 -11.65
CA ARG B 249 -0.28 20.97 -12.05
C ARG B 249 -0.85 21.90 -10.98
N GLY B 250 0.01 22.41 -10.11
CA GLY B 250 -0.43 23.31 -9.06
C GLY B 250 -0.97 22.61 -7.81
N TYR B 251 -1.25 21.31 -7.92
CA TYR B 251 -1.75 20.55 -6.78
C TYR B 251 -0.70 20.49 -5.68
N PRO B 252 -1.14 20.56 -4.41
CA PRO B 252 -0.20 20.56 -3.28
C PRO B 252 0.59 19.25 -3.20
N ALA B 253 1.79 19.33 -2.63
CA ALA B 253 2.67 18.18 -2.51
C ALA B 253 2.09 17.06 -1.66
N TYR B 254 1.21 17.42 -0.74
CA TYR B 254 0.62 16.46 0.20
C TYR B 254 -0.73 15.92 -0.29
N LEU B 255 -1.00 16.04 -1.59
CA LEU B 255 -2.29 15.61 -2.13
C LEU B 255 -2.61 14.15 -1.82
N TYR B 256 -1.62 13.27 -1.98
CA TYR B 256 -1.80 11.86 -1.66
C TYR B 256 -2.21 11.68 -0.20
N THR B 257 -1.49 12.34 0.70
CA THR B 257 -1.74 12.20 2.13
C THR B 257 -3.12 12.75 2.51
N ASP B 258 -3.51 13.86 1.89
CA ASP B 258 -4.82 14.44 2.18
C ASP B 258 -5.96 13.57 1.65
N LEU B 259 -5.81 13.04 0.45
CA LEU B 259 -6.80 12.12 -0.11
C LEU B 259 -6.92 10.87 0.76
N ALA B 260 -5.79 10.39 1.26
CA ALA B 260 -5.77 9.22 2.11
C ALA B 260 -6.46 9.49 3.44
N SER B 261 -6.32 10.71 3.96
CA SER B 261 -6.94 11.09 5.22
C SER B 261 -8.46 11.06 5.11
N ILE B 262 -8.96 10.94 3.89
CA ILE B 262 -10.39 10.77 3.64
C ILE B 262 -10.73 9.30 3.33
N TYR B 263 -10.05 8.73 2.34
CA TYR B 263 -10.34 7.37 1.88
C TYR B 263 -10.15 6.31 2.97
N GLU B 264 -9.15 6.50 3.83
CA GLU B 264 -8.84 5.51 4.87
C GLU B 264 -9.78 5.57 6.07
N ARG B 265 -10.68 6.53 6.07
CA ARG B 265 -11.73 6.58 7.09
C ARG B 265 -12.89 5.71 6.62
N SER B 266 -12.58 4.43 6.44
CA SER B 266 -13.52 3.44 5.95
C SER B 266 -13.04 2.11 6.50
N GLY B 267 -13.82 1.06 6.27
CA GLY B 267 -13.36 -0.27 6.63
C GLY B 267 -14.31 -1.08 7.49
N LEU B 268 -13.78 -2.17 8.01
CA LEU B 268 -14.57 -3.12 8.77
C LEU B 268 -13.98 -3.34 10.15
N THR B 269 -14.85 -3.41 11.15
CA THR B 269 -14.44 -3.72 12.51
C THR B 269 -15.45 -4.75 13.05
N SER B 270 -15.25 -5.21 14.28
CA SER B 270 -16.17 -6.19 14.84
C SER B 270 -17.57 -5.60 15.08
N LYS B 271 -17.63 -4.29 15.24
CA LYS B 271 -18.88 -3.61 15.59
C LYS B 271 -19.70 -3.12 14.39
N GLY B 272 -19.03 -2.74 13.30
CA GLY B 272 -19.73 -2.19 12.15
C GLY B 272 -18.80 -1.97 10.97
N SER B 273 -19.31 -1.29 9.94
CA SER B 273 -18.54 -1.10 8.71
C SER B 273 -18.87 0.19 7.97
N ILE B 274 -17.86 0.75 7.32
CA ILE B 274 -18.06 1.84 6.37
C ILE B 274 -17.60 1.37 4.99
N THR B 275 -18.56 1.21 4.09
CA THR B 275 -18.23 0.92 2.69
C THR B 275 -18.19 2.25 1.94
N LEU B 276 -17.06 2.52 1.29
CA LEU B 276 -16.83 3.84 0.71
C LEU B 276 -16.63 3.77 -0.80
N ILE B 277 -17.42 4.57 -1.53
CA ILE B 277 -17.29 4.64 -2.98
C ILE B 277 -17.06 6.09 -3.43
N PRO B 278 -15.78 6.47 -3.58
CA PRO B 278 -15.44 7.79 -4.10
C PRO B 278 -15.58 7.79 -5.61
N MET B 279 -16.16 8.84 -6.17
CA MET B 279 -16.31 8.92 -7.62
C MET B 279 -15.52 10.10 -8.15
N LEU B 280 -14.86 9.92 -9.28
CA LEU B 280 -14.13 11.01 -9.90
C LEU B 280 -14.18 11.00 -11.42
N THR B 281 -14.07 12.18 -12.00
CA THR B 281 -13.94 12.33 -13.44
C THR B 281 -12.46 12.36 -13.76
N MET B 282 -12.01 11.50 -14.68
CA MET B 282 -10.64 11.55 -15.15
C MET B 282 -10.55 12.64 -16.21
N PRO B 283 -9.92 13.78 -15.86
CA PRO B 283 -9.92 15.00 -16.67
C PRO B 283 -9.95 14.78 -18.18
N GLY B 284 -8.80 14.59 -18.84
CA GLY B 284 -8.79 14.35 -20.29
C GLY B 284 -9.04 12.88 -20.65
N ASN B 285 -9.89 12.20 -19.88
CA ASN B 285 -10.01 10.74 -19.97
C ASN B 285 -8.63 10.09 -19.83
N ASP B 286 -7.83 10.64 -18.93
CA ASP B 286 -6.46 10.20 -18.71
C ASP B 286 -6.33 9.64 -17.30
N ILE B 287 -6.19 8.32 -17.19
CA ILE B 287 -6.09 7.65 -15.89
C ILE B 287 -4.77 7.95 -15.20
N THR B 288 -3.82 8.51 -15.95
CA THR B 288 -2.52 8.86 -15.40
C THR B 288 -2.50 10.29 -14.85
N HIS B 289 -3.63 10.99 -14.95
CA HIS B 289 -3.75 12.30 -14.34
C HIS B 289 -3.60 12.14 -12.83
N VAL B 290 -3.01 13.14 -12.17
CA VAL B 290 -2.65 13.02 -10.77
C VAL B 290 -3.80 12.59 -9.85
N VAL B 291 -5.03 13.06 -10.10
CA VAL B 291 -6.15 12.70 -9.24
C VAL B 291 -6.57 11.22 -9.32
N PRO B 292 -6.85 10.71 -10.54
CA PRO B 292 -7.15 9.27 -10.56
C PRO B 292 -5.94 8.40 -10.22
N ASP B 293 -4.74 8.86 -10.53
CA ASP B 293 -3.54 8.08 -10.25
C ASP B 293 -3.30 7.92 -8.75
N LEU B 294 -3.37 9.02 -8.01
CA LEU B 294 -3.20 8.96 -6.55
C LEU B 294 -4.35 8.19 -5.90
N THR B 295 -5.55 8.36 -6.41
CA THR B 295 -6.71 7.65 -5.89
C THR B 295 -6.55 6.15 -6.12
N GLY B 296 -6.03 5.79 -7.29
CA GLY B 296 -5.74 4.40 -7.60
C GLY B 296 -4.77 3.79 -6.61
N TYR B 297 -3.78 4.57 -6.18
CA TYR B 297 -2.78 4.11 -5.21
C TYR B 297 -3.33 3.97 -3.79
N ILE B 298 -4.55 4.48 -3.55
CA ILE B 298 -5.14 4.46 -2.22
C ILE B 298 -6.34 3.53 -2.08
N THR B 299 -7.34 3.69 -2.94
CA THR B 299 -8.52 2.84 -2.88
C THR B 299 -8.17 1.38 -3.14
N GLU B 300 -9.03 0.47 -2.70
CA GLU B 300 -8.77 -0.95 -2.88
C GLU B 300 -9.38 -1.43 -4.18
N GLY B 301 -9.00 -0.74 -5.26
CA GLY B 301 -9.51 -1.05 -6.58
C GLY B 301 -10.34 0.08 -7.15
N GLN B 302 -10.83 -0.13 -8.38
CA GLN B 302 -11.63 0.89 -9.04
C GLN B 302 -12.46 0.28 -10.16
N TYR B 303 -13.64 0.84 -10.39
CA TYR B 303 -14.43 0.50 -11.57
C TYR B 303 -14.24 1.57 -12.63
N VAL B 304 -13.62 1.20 -13.74
CA VAL B 304 -13.27 2.16 -14.78
C VAL B 304 -14.27 2.13 -15.93
N LEU B 305 -14.83 3.29 -16.24
CA LEU B 305 -15.80 3.38 -17.33
C LEU B 305 -15.10 3.62 -18.68
N SER B 306 -15.69 3.10 -19.75
CA SER B 306 -15.04 3.09 -21.06
C SER B 306 -15.83 3.89 -22.11
N GLN B 307 -15.15 4.84 -22.75
CA GLN B 307 -15.74 5.63 -23.82
C GLN B 307 -16.15 4.74 -24.98
N ASP B 308 -15.32 3.74 -25.26
CA ASP B 308 -15.57 2.80 -26.34
C ASP B 308 -16.86 2.03 -26.14
N LEU B 309 -17.06 1.48 -24.94
CA LEU B 309 -18.28 0.75 -24.62
C LEU B 309 -19.50 1.66 -24.65
N HIS B 310 -19.33 2.89 -24.17
CA HIS B 310 -20.40 3.87 -24.19
C HIS B 310 -20.85 4.16 -25.62
N SER B 311 -19.87 4.31 -26.52
CA SER B 311 -20.16 4.58 -27.93
C SER B 311 -20.85 3.39 -28.61
N LYS B 312 -20.71 2.21 -28.03
CA LYS B 312 -21.38 1.02 -28.55
C LYS B 312 -22.74 0.83 -27.91
N ASN B 313 -23.21 1.85 -27.21
CA ASN B 313 -24.48 1.82 -26.49
C ASN B 313 -24.51 0.71 -25.43
N ILE B 314 -23.40 0.52 -24.74
CA ILE B 314 -23.33 -0.45 -23.65
C ILE B 314 -23.41 0.26 -22.30
N TYR B 315 -24.48 0.02 -21.55
CA TYR B 315 -24.55 0.38 -20.14
C TYR B 315 -24.64 -0.90 -19.32
N PRO B 316 -23.86 -0.98 -18.22
CA PRO B 316 -22.88 0.03 -17.81
C PRO B 316 -21.55 -0.17 -18.54
N PRO B 317 -20.92 0.93 -18.96
CA PRO B 317 -19.73 0.85 -19.81
C PRO B 317 -18.45 0.55 -19.02
N ILE B 318 -18.45 -0.57 -18.29
CA ILE B 318 -17.33 -0.95 -17.44
C ILE B 318 -16.23 -1.71 -18.19
N ASP B 319 -15.02 -1.18 -18.15
CA ASP B 319 -13.84 -1.86 -18.68
C ASP B 319 -13.47 -3.00 -17.74
N LEU B 320 -13.71 -4.24 -18.18
CA LEU B 320 -13.51 -5.42 -17.33
C LEU B 320 -12.05 -5.63 -16.94
N LEU B 321 -11.14 -5.13 -17.75
CA LEU B 321 -9.71 -5.39 -17.54
C LEU B 321 -8.99 -4.27 -16.81
N LYS B 322 -9.41 -3.03 -17.03
CA LYS B 322 -8.84 -1.90 -16.30
C LYS B 322 -9.41 -1.81 -14.89
N SER B 323 -10.59 -2.39 -14.70
CA SER B 323 -11.21 -2.39 -13.38
C SER B 323 -10.57 -3.41 -12.47
N LEU B 324 -10.71 -3.21 -11.17
CA LEU B 324 -10.05 -4.05 -10.17
C LEU B 324 -10.75 -3.94 -8.82
N SER B 325 -10.92 -5.08 -8.16
CA SER B 325 -11.28 -5.10 -6.76
C SER B 325 -10.20 -5.87 -6.03
N ARG B 326 -9.40 -5.17 -5.22
CA ARG B 326 -8.25 -5.79 -4.57
C ARG B 326 -8.60 -6.89 -3.59
N LEU B 327 -9.70 -6.72 -2.88
CA LEU B 327 -10.07 -7.63 -1.81
C LEU B 327 -11.04 -8.72 -2.28
N ALA B 328 -11.40 -8.66 -3.56
CA ALA B 328 -12.40 -9.57 -4.14
C ALA B 328 -12.21 -11.04 -3.78
N LYS B 329 -10.98 -11.52 -3.88
CA LYS B 329 -10.66 -12.92 -3.60
C LYS B 329 -11.03 -13.37 -2.18
N ASN B 330 -10.99 -12.44 -1.22
CA ASN B 330 -11.34 -12.74 0.16
C ASN B 330 -12.77 -13.24 0.33
N GLY B 331 -13.66 -12.85 -0.59
CA GLY B 331 -15.07 -13.16 -0.45
C GLY B 331 -15.61 -14.19 -1.43
N MET B 332 -14.76 -14.66 -2.34
CA MET B 332 -15.22 -15.54 -3.41
C MET B 332 -15.06 -17.03 -3.07
N SER B 333 -16.08 -17.80 -3.42
CA SER B 333 -16.02 -19.26 -3.32
C SER B 333 -15.05 -19.77 -4.37
N LYS B 334 -14.70 -21.06 -4.31
CA LYS B 334 -13.82 -21.63 -5.32
C LYS B 334 -14.49 -21.61 -6.69
N LYS B 335 -15.81 -21.82 -6.71
CA LYS B 335 -16.58 -21.76 -7.95
C LYS B 335 -16.57 -20.34 -8.51
N HIS B 336 -16.76 -19.35 -7.63
CA HIS B 336 -16.77 -17.96 -8.03
C HIS B 336 -15.43 -17.55 -8.60
N LYS B 337 -14.35 -18.00 -7.96
CA LYS B 337 -13.00 -17.73 -8.44
C LYS B 337 -12.76 -18.31 -9.82
N LYS B 338 -13.29 -19.51 -10.05
CA LYS B 338 -13.16 -20.18 -11.34
C LYS B 338 -13.84 -19.39 -12.46
N TYR B 339 -15.04 -18.90 -12.20
CA TYR B 339 -15.78 -18.13 -13.18
C TYR B 339 -15.11 -16.78 -13.49
N ALA B 340 -14.61 -16.12 -12.45
CA ALA B 340 -13.93 -14.84 -12.62
C ALA B 340 -12.68 -14.99 -13.47
N ASP B 341 -11.90 -16.03 -13.17
CA ASP B 341 -10.67 -16.29 -13.91
C ASP B 341 -10.95 -16.59 -15.38
N ILE B 342 -11.95 -17.42 -15.65
CA ILE B 342 -12.30 -17.80 -17.02
C ILE B 342 -12.82 -16.58 -17.79
N LEU B 343 -13.55 -15.70 -17.12
CA LEU B 343 -14.12 -14.52 -17.77
C LEU B 343 -13.01 -13.55 -18.14
N ILE B 344 -12.16 -13.23 -17.17
CA ILE B 344 -11.09 -12.25 -17.36
C ILE B 344 -10.08 -12.70 -18.42
N LYS B 345 -9.60 -13.94 -18.28
CA LYS B 345 -8.57 -14.44 -19.19
C LYS B 345 -9.05 -14.62 -20.62
N SER B 346 -10.29 -15.09 -20.79
CA SER B 346 -10.84 -15.31 -22.13
C SER B 346 -11.21 -13.99 -22.81
N TYR B 347 -11.69 -13.02 -22.04
CA TYR B 347 -12.03 -11.70 -22.58
C TYR B 347 -10.76 -11.01 -23.07
N ALA B 348 -9.70 -11.10 -22.27
CA ALA B 348 -8.42 -10.51 -22.63
C ALA B 348 -7.86 -11.12 -23.91
N LYS B 349 -7.90 -12.45 -24.01
CA LYS B 349 -7.44 -13.15 -25.21
C LYS B 349 -8.32 -12.77 -26.40
N GLY B 350 -9.61 -12.57 -26.14
CA GLY B 350 -10.53 -12.14 -27.16
C GLY B 350 -10.21 -10.76 -27.70
N LEU B 351 -9.76 -9.87 -26.81
CA LEU B 351 -9.42 -8.51 -27.20
C LEU B 351 -8.14 -8.45 -28.03
N GLU B 352 -7.18 -9.32 -27.71
CA GLU B 352 -5.96 -9.44 -28.49
C GLU B 352 -6.30 -9.92 -29.89
N ALA B 353 -7.16 -10.93 -29.97
CA ALA B 353 -7.63 -11.44 -31.25
C ALA B 353 -8.39 -10.38 -32.04
N ARG B 354 -9.04 -9.47 -31.32
CA ARG B 354 -9.76 -8.37 -31.95
C ARG B 354 -8.80 -7.37 -32.57
N ASP B 355 -7.70 -7.10 -31.87
CA ASP B 355 -6.68 -6.16 -32.34
C ASP B 355 -6.11 -6.57 -33.70
N ILE B 356 -5.76 -7.85 -33.84
CA ILE B 356 -5.18 -8.36 -35.08
C ILE B 356 -6.24 -8.57 -36.17
N ALA B 357 -7.51 -8.58 -35.76
CA ALA B 357 -8.62 -8.68 -36.69
C ALA B 357 -8.71 -7.43 -37.56
N THR B 358 -8.08 -6.35 -37.11
CA THR B 358 -7.87 -5.18 -37.95
C THR B 358 -6.55 -5.38 -38.69
N ILE B 359 -6.41 -6.54 -39.31
CA ILE B 359 -5.21 -6.93 -40.03
C ILE B 359 -5.49 -8.19 -40.82
N VAL B 360 -5.37 -9.34 -40.17
CA VAL B 360 -5.71 -10.61 -40.80
C VAL B 360 -7.20 -10.72 -41.07
N GLY B 361 -7.97 -9.82 -40.49
CA GLY B 361 -9.41 -9.78 -40.69
C GLY B 361 -10.11 -10.88 -39.95
N GLU B 362 -10.18 -12.05 -40.58
CA GLU B 362 -10.78 -13.24 -40.00
C GLU B 362 -10.48 -14.43 -40.88
N LEU B 365 -8.01 -15.61 -39.28
CA LEU B 365 -7.02 -16.11 -38.34
C LEU B 365 -7.48 -17.41 -37.67
N SER B 366 -6.71 -17.86 -36.69
CA SER B 366 -6.90 -19.16 -36.04
C SER B 366 -8.33 -19.50 -35.62
N LYS B 367 -8.65 -20.80 -35.58
CA LYS B 367 -9.94 -21.24 -35.09
C LYS B 367 -10.09 -20.90 -33.61
N GLU B 368 -9.07 -21.26 -32.84
CA GLU B 368 -9.03 -20.97 -31.41
C GLU B 368 -9.20 -19.48 -31.18
N ASP B 369 -8.53 -18.67 -32.00
CA ASP B 369 -8.57 -17.22 -31.87
C ASP B 369 -9.86 -16.60 -32.43
N LYS B 370 -10.64 -17.38 -33.17
CA LYS B 370 -11.94 -16.94 -33.63
C LYS B 370 -12.98 -17.17 -32.55
N ALA B 371 -12.72 -18.14 -31.68
CA ALA B 371 -13.62 -18.43 -30.57
C ALA B 371 -13.53 -17.38 -29.48
N TYR B 372 -12.31 -16.94 -29.17
CA TYR B 372 -12.09 -15.89 -28.20
C TYR B 372 -12.63 -14.55 -28.70
N LEU B 373 -12.47 -14.33 -30.01
CA LEU B 373 -12.97 -13.11 -30.65
C LEU B 373 -14.48 -12.97 -30.47
N LYS B 374 -15.19 -14.07 -30.66
CA LYS B 374 -16.64 -14.09 -30.51
C LYS B 374 -17.04 -13.94 -29.04
N PHE B 375 -16.25 -14.55 -28.16
CA PHE B 375 -16.50 -14.49 -26.72
C PHE B 375 -16.50 -13.06 -26.22
N ALA B 376 -15.48 -12.29 -26.63
CA ALA B 376 -15.37 -10.90 -26.23
C ALA B 376 -16.53 -10.06 -26.75
N GLU B 377 -17.00 -10.38 -27.96
CA GLU B 377 -18.15 -9.69 -28.54
C GLU B 377 -19.41 -9.95 -27.73
N LEU B 378 -19.61 -11.21 -27.36
CA LEU B 378 -20.80 -11.61 -26.60
C LEU B 378 -20.76 -11.16 -25.15
N VAL B 379 -19.56 -11.11 -24.57
CA VAL B 379 -19.39 -10.60 -23.20
C VAL B 379 -19.91 -9.17 -23.11
N GLU B 380 -19.54 -8.36 -24.10
CA GLU B 380 -19.95 -6.96 -24.12
C GLU B 380 -21.45 -6.81 -24.40
N LYS B 381 -21.99 -7.70 -25.23
CA LYS B 381 -23.39 -7.59 -25.65
C LYS B 381 -24.39 -8.22 -24.67
N GLU B 382 -23.99 -9.30 -24.02
CA GLU B 382 -24.93 -10.08 -23.21
C GLU B 382 -24.58 -10.14 -21.73
N PHE B 383 -23.33 -9.91 -21.39
CA PHE B 383 -22.88 -9.99 -20.00
C PHE B 383 -22.74 -8.60 -19.37
N ILE B 384 -21.94 -7.75 -20.00
CA ILE B 384 -21.75 -6.38 -19.51
C ILE B 384 -23.02 -5.54 -19.67
N LYS B 385 -23.58 -5.55 -20.88
CA LYS B 385 -24.79 -4.79 -21.17
C LYS B 385 -25.93 -5.29 -20.29
N GLN B 386 -26.57 -4.37 -19.59
CA GLN B 386 -27.58 -4.69 -18.58
C GLN B 386 -28.39 -3.44 -18.27
N ASP B 387 -29.70 -3.60 -18.05
CA ASP B 387 -30.55 -2.44 -17.79
C ASP B 387 -30.29 -1.80 -16.43
N TYR B 388 -30.51 -0.49 -16.37
CA TYR B 388 -30.35 0.28 -15.14
C TYR B 388 -31.25 -0.22 -14.02
N TYR B 389 -32.37 -0.83 -14.39
CA TYR B 389 -33.32 -1.35 -13.41
C TYR B 389 -33.30 -2.87 -13.31
N GLU B 390 -32.28 -3.48 -13.87
CA GLU B 390 -32.15 -4.93 -13.87
C GLU B 390 -31.24 -5.43 -12.76
N TYR B 391 -31.70 -6.42 -12.01
CA TYR B 391 -30.88 -7.06 -10.98
C TYR B 391 -30.59 -8.50 -11.40
N ARG B 392 -29.32 -8.86 -11.46
CA ARG B 392 -28.94 -10.24 -11.77
C ARG B 392 -28.34 -10.91 -10.54
N SER B 393 -28.89 -12.06 -10.17
CA SER B 393 -28.29 -12.87 -9.13
C SER B 393 -26.95 -13.38 -9.64
N ILE B 394 -26.05 -13.73 -8.73
CA ILE B 394 -24.74 -14.22 -9.13
C ILE B 394 -24.87 -15.52 -9.93
N GLU B 395 -25.91 -16.31 -9.62
CA GLU B 395 -26.20 -17.53 -10.36
C GLU B 395 -26.61 -17.23 -11.79
N LYS B 396 -27.39 -16.17 -11.96
CA LYS B 396 -27.80 -15.73 -13.30
C LYS B 396 -26.59 -15.28 -14.11
N SER B 397 -25.68 -14.57 -13.45
CA SER B 397 -24.45 -14.10 -14.10
C SER B 397 -23.58 -15.26 -14.56
N PHE B 398 -23.51 -16.32 -13.75
CA PHE B 398 -22.76 -17.52 -14.09
C PHE B 398 -23.39 -18.22 -15.30
N GLU B 399 -24.72 -18.26 -15.32
CA GLU B 399 -25.46 -18.88 -16.42
C GLU B 399 -25.20 -18.19 -17.75
N ILE B 400 -25.11 -16.86 -17.73
CA ILE B 400 -24.81 -16.09 -18.93
C ILE B 400 -23.42 -16.45 -19.46
N ILE B 401 -22.45 -16.54 -18.55
CA ILE B 401 -21.09 -16.92 -18.91
C ILE B 401 -21.06 -18.32 -19.54
N ASP B 402 -21.79 -19.26 -18.92
CA ASP B 402 -21.91 -20.61 -19.46
C ASP B 402 -22.49 -20.60 -20.87
N SER B 403 -23.54 -19.81 -21.08
CA SER B 403 -24.19 -19.71 -22.38
C SER B 403 -23.27 -19.12 -23.45
N ILE B 404 -22.54 -18.07 -23.08
CA ILE B 404 -21.59 -17.42 -24.00
C ILE B 404 -20.45 -18.36 -24.39
N LEU B 405 -19.94 -19.10 -23.41
CA LEU B 405 -18.87 -20.07 -23.65
C LEU B 405 -19.27 -21.11 -24.68
N SER B 406 -20.52 -21.56 -24.63
CA SER B 406 -21.04 -22.52 -25.59
C SER B 406 -21.19 -21.90 -26.98
N GLN B 407 -21.79 -20.72 -27.04
CA GLN B 407 -21.98 -20.00 -28.30
C GLN B 407 -20.65 -19.73 -28.99
N SER B 408 -19.60 -19.51 -28.19
CA SER B 408 -18.29 -19.15 -28.73
C SER B 408 -17.50 -20.35 -29.23
N GLY B 409 -17.77 -21.53 -28.68
CA GLY B 409 -17.04 -22.73 -29.05
C GLY B 409 -16.00 -23.10 -28.03
N LEU B 410 -15.79 -22.21 -27.07
CA LEU B 410 -14.89 -22.47 -25.95
C LEU B 410 -15.54 -23.48 -25.01
N PRO B 411 -14.74 -24.16 -24.18
CA PRO B 411 -15.31 -25.03 -23.13
C PRO B 411 -16.18 -24.24 -22.16
PB ADP C . 0.07 -2.74 -5.86
O1B ADP C . 1.16 -2.72 -6.90
O2B ADP C . 0.54 -2.94 -4.45
O3B ADP C . -0.94 -1.63 -6.03
PA ADP C . -1.18 -5.25 -5.20
O1A ADP C . 0.04 -5.92 -4.63
O2A ADP C . -2.24 -4.70 -4.28
O3A ADP C . -0.72 -4.10 -6.24
O5' ADP C . -1.88 -6.30 -6.21
C5' ADP C . -2.95 -5.87 -7.05
C4' ADP C . -3.87 -7.04 -7.37
O4' ADP C . -3.14 -8.05 -8.09
C3' ADP C . -4.38 -7.66 -6.09
O3' ADP C . -5.82 -7.72 -6.15
C2' ADP C . -3.79 -9.04 -6.06
O2' ADP C . -4.76 -10.01 -5.64
C1' ADP C . -3.32 -9.32 -7.47
N9 ADP C . -2.04 -10.06 -7.43
C8 ADP C . -0.81 -9.53 -7.40
N7 ADP C . 0.15 -10.49 -7.38
C5 ADP C . -0.48 -11.68 -7.39
C6 ADP C . -0.07 -13.10 -7.39
N6 ADP C . 1.24 -13.46 -7.35
N1 ADP C . -1.05 -14.04 -7.42
C2 ADP C . -2.35 -13.70 -7.45
N3 ADP C . -2.80 -12.43 -7.47
C4 ADP C . -1.92 -11.39 -7.44
C1 DIO D . 20.94 -13.64 -19.25
C2 DIO D . 19.91 -11.79 -19.87
C1' DIO D . 20.49 -14.33 -20.50
C2' DIO D . 19.52 -12.35 -21.20
O1 DIO D . 21.14 -12.29 -19.50
O1' DIO D . 20.29 -13.45 -21.55
C1 DIO E . 11.95 -19.59 13.49
C2 DIO E . 10.39 -18.56 14.72
C1' DIO E . 11.14 -19.36 12.27
C2' DIO E . 9.56 -18.36 13.49
O1 DIO E . 11.73 -18.57 14.40
O1' DIO E . 9.79 -19.38 12.60
C1 DIO F . 5.39 -7.68 -22.55
C2 DIO F . 6.94 -8.67 -21.27
C1' DIO F . 5.36 -6.53 -21.60
C2' DIO F . 6.88 -7.54 -20.31
O1 DIO F . 6.67 -8.22 -22.55
O1' DIO F . 5.60 -7.01 -20.32
C1 DIO G . 15.67 2.84 -16.84
C2 DIO G . 13.92 1.62 -16.21
C1' DIO G . 15.94 1.89 -17.95
C2' DIO G . 14.19 0.67 -17.34
O1 DIO G . 14.32 2.89 -16.57
O1' DIO G . 15.54 0.62 -17.58
C1 GOL H . 20.27 -9.19 -15.89
O1 GOL H . 20.03 -10.16 -14.91
C2 GOL H . 19.58 -9.61 -17.19
O2 GOL H . 18.88 -10.82 -16.99
C3 GOL H . 18.64 -8.51 -17.67
O3 GOL H . 17.62 -9.08 -18.47
C1 GOL I . -5.56 -4.04 -14.05
O1 GOL I . -5.19 -2.96 -14.87
C2 GOL I . -4.40 -4.43 -13.14
O2 GOL I . -4.01 -3.31 -12.37
C3 GOL I . -4.85 -5.56 -12.22
O3 GOL I . -3.78 -5.95 -11.39
C1 GOL J . 24.76 -15.05 3.87
O1 GOL J . 25.66 -15.50 2.88
C2 GOL J . 25.12 -15.65 5.22
O2 GOL J . 26.47 -16.09 5.19
C3 GOL J . 24.98 -14.59 6.30
O3 GOL J . 23.67 -14.08 6.28
MG MG K . 0.28 -1.83 -2.72
MG MG L . 19.78 -11.15 4.31
C1 DIO M . -14.71 -22.57 -1.17
C2 DIO M . -16.79 -21.86 -0.62
C1' DIO M . -15.30 -23.78 -1.82
C2' DIO M . -17.37 -23.07 -1.29
O1 DIO M . -15.51 -22.10 -0.15
O1' DIO M . -16.56 -23.51 -2.32
C1 DIO N . -20.07 -17.49 -4.50
C2 DIO N . -18.83 -16.37 -3.01
C1' DIO N . -21.31 -16.98 -3.85
C2' DIO N . -20.06 -15.85 -2.36
O1 DIO N . -19.06 -16.56 -4.37
O1' DIO N . -21.08 -16.76 -2.51
C1 DIO O . -27.90 8.02 19.72
C2 DIO O . -28.00 10.21 19.33
C1' DIO O . -29.01 7.79 18.76
C2' DIO O . -29.10 9.98 18.37
O1 DIO O . -27.16 9.11 19.30
O1' DIO O . -29.85 8.89 18.77
C1 DIO P . 7.27 33.14 2.90
C2 DIO P . 5.16 33.29 2.18
C1' DIO P . 7.76 33.19 1.49
C2' DIO P . 5.67 33.38 0.77
O1 DIO P . 6.09 33.85 3.02
O1' DIO P . 6.82 32.63 0.65
C1 GOL Q . -10.38 -10.86 -10.09
O1 GOL Q . -10.76 -10.74 -11.43
C2 GOL Q . -9.49 -9.67 -9.70
O2 GOL Q . -8.91 -9.12 -10.87
C3 GOL Q . -10.33 -8.61 -8.99
O3 GOL Q . -10.67 -7.59 -9.90
C1 GOL R . -7.49 -24.38 -37.39
O1 GOL R . -6.78 -25.59 -37.56
C2 GOL R . -6.96 -23.34 -38.37
O2 GOL R . -8.04 -22.66 -38.96
C3 GOL R . -6.07 -22.34 -37.64
O3 GOL R . -4.79 -22.88 -37.44
C1 GOL S . 1.04 13.97 -14.54
O1 GOL S . 1.31 14.34 -13.20
C2 GOL S . -0.47 13.95 -14.77
O2 GOL S . -1.08 15.04 -14.10
C3 GOL S . -0.76 14.06 -16.27
O3 GOL S . -0.58 12.79 -16.86
C1 GOL T . -7.26 12.64 9.79
O1 GOL T . -6.44 13.12 10.83
C2 GOL T . -6.64 11.41 9.13
O2 GOL T . -5.67 10.82 9.97
C3 GOL T . -7.74 10.42 8.78
O3 GOL T . -8.65 10.30 9.86
MG MG U . -20.09 18.24 24.52
MG MG V . -3.09 -10.90 19.41
MG MG W . -12.94 15.40 19.17
S SO4 X . -11.44 3.10 -24.19
O1 SO4 X . -11.94 2.01 -23.36
O2 SO4 X . -10.67 2.55 -25.28
O3 SO4 X . -10.61 3.98 -23.36
O4 SO4 X . -12.55 3.87 -24.70
#